data_5F0J
#
_entry.id   5F0J
#
_cell.length_a   372.820
_cell.length_b   75.580
_cell.length_c   57.530
_cell.angle_alpha   90.000
_cell.angle_beta   97.870
_cell.angle_gamma   90.000
#
_symmetry.space_group_name_H-M   'C 1 2 1'
#
loop_
_entity.id
_entity.type
_entity.pdbx_description
1 polymer 'Vacuolar protein sorting-associated protein 35'
2 polymer 'Vacuolar protein sorting-associated protein 26A'
3 polymer 'Sorting nexin-3'
4 non-polymer 'SULFATE ION'
5 non-polymer GLYCEROL
6 non-polymer 1,2-ETHANEDIOL
7 water water
#
loop_
_entity_poly.entity_id
_entity_poly.type
_entity_poly.pdbx_seq_one_letter_code
_entity_poly.pdbx_strand_id
1 'polypeptide(L)'
;GAMGSKLLDEAIQAVKVQSFQMKRCLDKNKLMDALKHASNMLGELRTSMLSPKSYYELYMAISDELHYLEVYLTDEFAKG
RKVADLYELVQYAGNIIPRLYLLITVGVVYVKSFPQSRKDILKDLVEMCRGVQHPLRGLFLRNYLLQCTRNILPDEGEPT
DEETTGDISDSMDFVLLNFAEMNKLWVRMQHQGHSRDREKRERERQELRILVGTNLVRLSQLEGVNVERYKQIVLTGILE
QVVNCRDALAQEYLMECIIQVFPDEFHLQTLNPFLRACAELHQNVNVKNIIIALIDRLALFAHREDGPGIPADIKLFDIF
SQQVATVIQSRQDMPSEDVVSLQVSLINLAMKCYPDRVDYVDKVLETTVEIFNKLNLEHIATSSAVSKELTRLLKIPVDT
YNNILTVLKLKHFHPLFEYFDYESRKSMSCYVLSNVLDYNTEIVSQDQVDSIMNLVSTLIQD
;
A
2 'polypeptide(L)'
;(MSE)G(MSE)SFLGGFFGPICEIDIVLNDGETRK(MSE)AE(MSE)KTEDGKVEKHYLFYDGESVSGKVNLAFKQPGKR
LEHQGIRIEFVGQIELFNDKSNTHEFVNLVKELALPGELTQSRSYDFEF(MSE)QVEKPYESYIGANVRLRYFLKVTIVR
RLTDLVKEYDLIVHQLATYPDVNNSIK(MSE)EVGIEDCLHIEFEYNKSKYHLKDVIVGKIYFLLVRIKIQH(MSE)ELQ
LIKKEITGIGPSTTTETETIAKYEI(MSE)DGAPVKGESIPIRLFLAGYDPTPT(MSE)RDVNKKFSVRYFLNLVLVDEE
DRRYFKQQEIILWRKAPEKLRKQRTNFHQRFESPESQASAEQPE(MSE)GLVPRGSHHHHH
;
B
3 'polypeptide(L)'
;GAMGSMAETVADTRRLITKPQNLNDAYGPPSNFLEIDVSNPQTVGVGRGRFTTYEIRVKTNLPIFKLKESTVRRRYSDFE
WLRSELERESKVVVPPLPGKAFLRQLPFRGDDGIFDDNFIEERKQGLEQFINKVAGHPLAQNERCLHMFLQDEIIDKSYT
PSKIRHA
;
C
#
loop_
_chem_comp.id
_chem_comp.type
_chem_comp.name
_chem_comp.formula
EDO non-polymer 1,2-ETHANEDIOL 'C2 H6 O2'
GOL non-polymer GLYCEROL 'C3 H8 O3'
SO4 non-polymer 'SULFATE ION' 'O4 S -2'
#
# COMPACT_ATOMS: atom_id res chain seq x y z
N GLY A 4 -21.94 5.49 14.43
CA GLY A 4 -23.23 5.49 13.68
C GLY A 4 -23.54 4.17 12.98
N SER A 5 -22.53 3.59 12.31
CA SER A 5 -22.66 2.38 11.47
C SER A 5 -23.48 2.58 10.17
N LYS A 6 -23.73 3.85 9.81
CA LYS A 6 -24.47 4.21 8.59
C LYS A 6 -23.50 4.12 7.43
N LEU A 7 -22.33 4.73 7.62
CA LEU A 7 -21.19 4.70 6.69
C LEU A 7 -21.07 3.36 5.98
N LEU A 8 -21.10 2.28 6.75
CA LEU A 8 -21.07 0.93 6.21
C LEU A 8 -22.22 0.68 5.24
N ASP A 9 -23.45 0.95 5.70
CA ASP A 9 -24.65 0.69 4.90
C ASP A 9 -24.76 1.61 3.67
N GLU A 10 -24.40 2.88 3.86
CA GLU A 10 -24.35 3.86 2.75
C GLU A 10 -23.42 3.37 1.64
N ALA A 11 -22.25 2.88 2.05
CA ALA A 11 -21.28 2.31 1.13
C ALA A 11 -21.82 1.07 0.40
N ILE A 12 -22.44 0.13 1.12
CA ILE A 12 -22.97 -1.09 0.49
C ILE A 12 -24.14 -0.75 -0.44
N GLN A 13 -24.90 0.30 -0.12
CA GLN A 13 -25.93 0.83 -1.01
C GLN A 13 -25.30 1.34 -2.31
N ALA A 14 -24.29 2.20 -2.15
CA ALA A 14 -23.53 2.76 -3.28
C ALA A 14 -22.88 1.67 -4.15
N VAL A 15 -22.35 0.64 -3.50
CA VAL A 15 -21.80 -0.53 -4.18
C VAL A 15 -22.87 -1.19 -5.03
N LYS A 16 -24.06 -1.40 -4.45
CA LYS A 16 -25.11 -2.11 -5.17
C LYS A 16 -25.64 -1.31 -6.37
N VAL A 17 -25.60 0.02 -6.26
CA VAL A 17 -25.96 0.91 -7.38
C VAL A 17 -24.96 0.76 -8.54
N GLN A 18 -23.67 0.85 -8.24
CA GLN A 18 -22.61 0.81 -9.26
C GLN A 18 -22.44 -0.57 -9.86
N SER A 19 -22.58 -1.60 -9.03
CA SER A 19 -22.52 -2.99 -9.48
C SER A 19 -23.73 -3.39 -10.34
N PHE A 20 -24.87 -2.71 -10.14
CA PHE A 20 -26.03 -2.88 -11.02
C PHE A 20 -25.73 -2.31 -12.41
N GLN A 21 -25.26 -1.06 -12.46
CA GLN A 21 -24.88 -0.42 -13.72
C GLN A 21 -23.67 -1.08 -14.41
N MET A 22 -22.84 -1.78 -13.64
CA MET A 22 -21.72 -2.53 -14.21
C MET A 22 -22.22 -3.70 -15.04
N LYS A 23 -23.04 -4.56 -14.42
CA LYS A 23 -23.62 -5.73 -15.10
C LYS A 23 -24.53 -5.34 -16.27
N ARG A 24 -25.24 -4.22 -16.10
CA ARG A 24 -26.00 -3.58 -17.18
C ARG A 24 -25.13 -3.32 -18.43
N CYS A 25 -24.00 -2.66 -18.24
CA CYS A 25 -23.07 -2.38 -19.34
C CYS A 25 -22.44 -3.68 -19.88
N LEU A 26 -22.18 -4.65 -19.00
CA LEU A 26 -21.66 -5.95 -19.43
C LEU A 26 -22.66 -6.72 -20.30
N ASP A 27 -23.96 -6.55 -20.06
CA ASP A 27 -25.00 -7.11 -20.95
C ASP A 27 -24.92 -6.51 -22.36
N LYS A 28 -24.69 -5.20 -22.44
CA LYS A 28 -24.56 -4.49 -23.74
C LYS A 28 -23.20 -4.64 -24.44
N ASN A 29 -22.24 -5.33 -23.81
CA ASN A 29 -20.84 -5.40 -24.26
C ASN A 29 -20.11 -4.04 -24.29
N LYS A 30 -20.43 -3.19 -23.31
CA LYS A 30 -19.81 -1.87 -23.11
C LYS A 30 -18.76 -1.96 -21.99
N LEU A 31 -17.63 -2.63 -22.29
CA LEU A 31 -16.61 -2.98 -21.30
C LEU A 31 -16.01 -1.78 -20.58
N MET A 32 -15.53 -0.79 -21.32
CA MET A 32 -14.86 0.37 -20.71
C MET A 32 -15.81 1.18 -19.83
N ASP A 33 -17.09 1.21 -20.19
CA ASP A 33 -18.12 1.81 -19.34
C ASP A 33 -18.43 0.94 -18.11
N ALA A 34 -18.32 -0.38 -18.25
CA ALA A 34 -18.42 -1.30 -17.11
C ALA A 34 -17.29 -1.08 -16.10
N LEU A 35 -16.07 -0.96 -16.61
CA LEU A 35 -14.89 -0.74 -15.79
C LEU A 35 -14.96 0.61 -15.06
N LYS A 36 -15.53 1.62 -15.70
CA LYS A 36 -15.68 2.93 -15.07
C LYS A 36 -16.54 2.87 -13.81
N HIS A 37 -17.55 2.00 -13.82
CA HIS A 37 -18.37 1.70 -12.64
C HIS A 37 -17.67 0.76 -11.65
N ALA A 38 -16.96 -0.24 -12.17
CA ALA A 38 -16.14 -1.12 -11.33
C ALA A 38 -15.15 -0.32 -10.49
N SER A 39 -14.53 0.68 -11.10
CA SER A 39 -13.66 1.63 -10.40
C SER A 39 -14.39 2.48 -9.34
N ASN A 40 -15.60 2.92 -9.68
CA ASN A 40 -16.42 3.70 -8.73
C ASN A 40 -16.82 2.86 -7.53
N MET A 41 -17.20 1.61 -7.79
CA MET A 41 -17.51 0.62 -6.75
C MET A 41 -16.30 0.40 -5.83
N LEU A 42 -15.15 0.11 -6.47
CA LEU A 42 -13.87 -0.07 -5.77
C LEU A 42 -13.41 1.15 -4.99
N GLY A 43 -13.80 2.33 -5.43
CA GLY A 43 -13.53 3.56 -4.68
C GLY A 43 -13.97 3.56 -3.24
N GLU A 44 -14.99 2.77 -2.91
CA GLU A 44 -15.46 2.59 -1.52
C GLU A 44 -14.42 1.94 -0.61
N LEU A 45 -13.52 1.12 -1.17
CA LEU A 45 -12.41 0.53 -0.41
C LEU A 45 -11.26 1.48 -0.02
N ARG A 46 -11.33 2.73 -0.45
CA ARG A 46 -10.32 3.74 -0.10
C ARG A 46 -10.51 4.31 1.31
N THR A 47 -11.71 4.19 1.86
CA THR A 47 -12.05 4.77 3.18
C THR A 47 -11.13 4.35 4.34
N SER A 48 -11.02 5.23 5.33
CA SER A 48 -10.36 4.95 6.60
C SER A 48 -11.33 5.00 7.78
N MET A 49 -12.62 5.24 7.53
CA MET A 49 -13.60 5.50 8.59
C MET A 49 -14.21 4.22 9.19
N LEU A 50 -14.20 3.13 8.43
CA LEU A 50 -14.76 1.84 8.87
C LEU A 50 -13.80 1.07 9.78
N SER A 51 -14.37 0.32 10.71
CA SER A 51 -13.60 -0.62 11.53
C SER A 51 -13.20 -1.83 10.67
N PRO A 52 -12.30 -2.69 11.19
CA PRO A 52 -11.95 -3.92 10.46
C PRO A 52 -13.12 -4.84 10.16
N LYS A 53 -14.08 -4.95 11.08
CA LYS A 53 -15.28 -5.78 10.84
C LYS A 53 -16.18 -5.17 9.77
N SER A 54 -16.44 -3.87 9.89
CA SER A 54 -17.22 -3.12 8.90
C SER A 54 -16.58 -3.19 7.50
N TYR A 55 -15.26 -2.92 7.46
CA TYR A 55 -14.48 -2.97 6.20
C TYR A 55 -14.48 -4.37 5.60
N TYR A 56 -14.37 -5.40 6.46
CA TYR A 56 -14.45 -6.79 6.01
C TYR A 56 -15.75 -7.06 5.27
N GLU A 57 -16.86 -6.55 5.80
CA GLU A 57 -18.20 -6.73 5.21
C GLU A 57 -18.31 -6.02 3.85
N LEU A 58 -17.78 -4.81 3.78
CA LEU A 58 -17.71 -4.05 2.53
C LEU A 58 -16.86 -4.74 1.47
N TYR A 59 -15.71 -5.27 1.89
CA TYR A 59 -14.82 -6.05 1.00
C TYR A 59 -15.57 -7.22 0.37
N MET A 60 -16.28 -7.97 1.21
CA MET A 60 -17.00 -9.19 0.78
C MET A 60 -18.08 -8.90 -0.28
N ALA A 61 -18.84 -7.82 -0.06
CA ALA A 61 -19.80 -7.34 -1.06
C ALA A 61 -19.10 -7.06 -2.38
N ILE A 62 -18.00 -6.31 -2.33
CA ILE A 62 -17.27 -5.87 -3.53
C ILE A 62 -16.54 -7.03 -4.21
N SER A 63 -16.05 -7.98 -3.41
CA SER A 63 -15.38 -9.19 -3.93
C SER A 63 -16.32 -10.02 -4.79
N ASP A 64 -17.56 -10.19 -4.29
CA ASP A 64 -18.64 -10.89 -5.02
C ASP A 64 -18.96 -10.24 -6.37
N GLU A 65 -19.04 -8.90 -6.38
CA GLU A 65 -19.33 -8.18 -7.62
C GLU A 65 -18.16 -8.27 -8.61
N LEU A 66 -16.92 -8.15 -8.12
CA LEU A 66 -15.74 -8.34 -8.98
C LEU A 66 -15.68 -9.72 -9.64
N HIS A 67 -16.23 -10.74 -8.99
CA HIS A 67 -16.29 -12.07 -9.58
C HIS A 67 -17.17 -12.13 -10.84
N TYR A 68 -18.29 -11.39 -10.84
CA TYR A 68 -19.14 -11.26 -12.05
C TYR A 68 -18.37 -10.63 -13.22
N LEU A 69 -17.49 -9.68 -12.92
CA LEU A 69 -16.59 -9.10 -13.92
C LEU A 69 -15.50 -10.08 -14.35
N GLU A 70 -14.89 -10.76 -13.39
CA GLU A 70 -13.79 -11.66 -13.70
C GLU A 70 -14.24 -12.84 -14.57
N VAL A 71 -15.44 -13.37 -14.29
CA VAL A 71 -16.01 -14.45 -15.11
C VAL A 71 -16.47 -13.96 -16.50
N TYR A 72 -16.98 -12.72 -16.58
CA TYR A 72 -17.29 -12.10 -17.88
C TYR A 72 -16.06 -12.08 -18.79
N LEU A 73 -14.93 -11.59 -18.25
CA LEU A 73 -13.66 -11.53 -19.00
C LEU A 73 -13.14 -12.92 -19.37
N THR A 74 -13.13 -13.85 -18.41
CA THR A 74 -12.50 -15.15 -18.63
C THR A 74 -13.16 -15.93 -19.77
N ASP A 75 -14.49 -15.87 -19.83
CA ASP A 75 -15.25 -16.51 -20.91
C ASP A 75 -15.01 -15.78 -22.23
N GLU A 76 -15.27 -14.47 -22.25
CA GLU A 76 -14.96 -13.59 -23.40
C GLU A 76 -13.59 -13.87 -24.04
N PHE A 77 -12.57 -14.05 -23.20
CA PHE A 77 -11.21 -14.39 -23.66
C PHE A 77 -11.11 -15.82 -24.18
N ALA A 78 -11.78 -16.76 -23.50
CA ALA A 78 -11.82 -18.17 -23.89
C ALA A 78 -12.51 -18.41 -25.24
N LYS A 79 -13.51 -17.61 -25.56
CA LYS A 79 -14.26 -17.68 -26.84
C LYS A 79 -13.62 -16.90 -28.01
N GLY A 80 -12.34 -16.57 -27.92
CA GLY A 80 -11.59 -15.96 -29.02
C GLY A 80 -11.72 -14.44 -29.21
N ARG A 81 -12.57 -13.78 -28.41
CA ARG A 81 -12.80 -12.34 -28.53
C ARG A 81 -12.09 -11.61 -27.37
N LYS A 82 -10.77 -11.62 -27.44
CA LYS A 82 -9.90 -11.09 -26.39
C LYS A 82 -9.70 -9.59 -26.55
N VAL A 83 -9.87 -8.85 -25.48
CA VAL A 83 -9.68 -7.39 -25.50
C VAL A 83 -8.19 -7.04 -25.46
N ALA A 84 -7.77 -6.20 -26.40
CA ALA A 84 -6.37 -5.78 -26.53
C ALA A 84 -6.02 -4.73 -25.50
N ASP A 85 -4.78 -4.80 -25.00
CA ASP A 85 -4.22 -3.81 -24.08
C ASP A 85 -5.00 -3.60 -22.77
N LEU A 86 -5.79 -4.59 -22.36
CA LEU A 86 -6.65 -4.45 -21.17
C LEU A 86 -5.83 -4.36 -19.87
N TYR A 87 -4.69 -5.07 -19.86
CA TYR A 87 -3.74 -5.01 -18.74
C TYR A 87 -3.22 -3.59 -18.52
N GLU A 88 -2.80 -2.96 -19.62
CA GLU A 88 -2.38 -1.57 -19.64
C GLU A 88 -3.53 -0.62 -19.30
N LEU A 89 -4.71 -0.86 -19.88
CA LEU A 89 -5.82 0.09 -19.78
C LEU A 89 -6.33 0.32 -18.37
N VAL A 90 -6.46 -0.74 -17.59
CA VAL A 90 -6.89 -0.62 -16.18
C VAL A 90 -5.89 0.12 -15.28
N GLN A 91 -4.64 0.24 -15.71
CA GLN A 91 -3.68 1.03 -14.96
C GLN A 91 -3.84 2.54 -15.13
N TYR A 92 -4.76 2.98 -16.00
CA TYR A 92 -5.00 4.42 -16.19
C TYR A 92 -5.72 5.04 -14.99
N ALA A 93 -6.41 4.20 -14.21
CA ALA A 93 -7.09 4.64 -12.97
C ALA A 93 -6.19 5.52 -12.11
N GLY A 94 -6.68 6.70 -11.75
CA GLY A 94 -5.89 7.69 -11.03
C GLY A 94 -5.67 7.37 -9.57
N ASN A 95 -6.62 6.63 -8.98
CA ASN A 95 -6.50 6.15 -7.60
C ASN A 95 -5.97 4.73 -7.60
N ILE A 96 -4.98 4.49 -6.74
CA ILE A 96 -4.28 3.20 -6.68
C ILE A 96 -5.10 1.97 -6.24
N ILE A 97 -6.00 2.12 -5.27
CA ILE A 97 -6.79 0.97 -4.79
C ILE A 97 -7.74 0.40 -5.87
N PRO A 98 -8.55 1.24 -6.53
CA PRO A 98 -9.24 0.73 -7.71
C PRO A 98 -8.28 0.15 -8.75
N ARG A 99 -7.18 0.85 -8.99
CA ARG A 99 -6.22 0.43 -10.02
C ARG A 99 -5.71 -1.00 -9.81
N LEU A 100 -5.32 -1.34 -8.58
CA LEU A 100 -4.69 -2.63 -8.31
C LEU A 100 -5.69 -3.77 -8.18
N TYR A 101 -6.87 -3.52 -7.62
CA TYR A 101 -7.95 -4.53 -7.63
C TYR A 101 -8.31 -4.89 -9.07
N LEU A 102 -8.47 -3.88 -9.93
CA LEU A 102 -8.70 -4.14 -11.36
C LEU A 102 -7.51 -4.82 -12.03
N LEU A 103 -6.29 -4.42 -11.67
CA LEU A 103 -5.09 -5.04 -12.25
C LEU A 103 -4.97 -6.53 -11.89
N ILE A 104 -5.29 -6.86 -10.63
CA ILE A 104 -5.25 -8.27 -10.17
C ILE A 104 -6.30 -9.08 -10.93
N THR A 105 -7.51 -8.53 -11.04
CA THR A 105 -8.62 -9.16 -11.76
C THR A 105 -8.22 -9.45 -13.21
N VAL A 106 -7.73 -8.44 -13.92
CA VAL A 106 -7.31 -8.62 -15.31
C VAL A 106 -6.08 -9.55 -15.40
N GLY A 107 -5.17 -9.46 -14.43
CA GLY A 107 -4.00 -10.32 -14.39
C GLY A 107 -4.31 -11.82 -14.45
N VAL A 108 -5.23 -12.29 -13.60
CA VAL A 108 -5.57 -13.73 -13.56
C VAL A 108 -6.23 -14.23 -14.86
N VAL A 109 -7.07 -13.38 -15.46
CA VAL A 109 -7.66 -13.65 -16.77
C VAL A 109 -6.55 -13.84 -17.81
N TYR A 110 -5.54 -12.97 -17.77
CA TYR A 110 -4.36 -13.10 -18.65
C TYR A 110 -3.54 -14.37 -18.42
N VAL A 111 -3.46 -14.83 -17.17
CA VAL A 111 -2.67 -16.02 -16.84
C VAL A 111 -3.31 -17.28 -17.42
N LYS A 112 -4.61 -17.40 -17.21
CA LYS A 112 -5.42 -18.45 -17.83
C LYS A 112 -5.33 -18.39 -19.34
N SER A 113 -5.57 -17.21 -19.91
CA SER A 113 -5.67 -17.03 -21.35
C SER A 113 -4.31 -17.04 -22.09
N PHE A 114 -3.24 -16.56 -21.46
CA PHE A 114 -1.90 -16.51 -22.06
C PHE A 114 -0.89 -17.17 -21.12
N PRO A 115 -0.83 -18.51 -21.12
CA PRO A 115 0.08 -19.22 -20.20
C PRO A 115 1.56 -18.83 -20.29
N GLN A 116 1.99 -18.39 -21.47
CA GLN A 116 3.34 -17.83 -21.67
C GLN A 116 3.70 -16.63 -20.76
N SER A 117 2.70 -15.85 -20.35
CA SER A 117 2.89 -14.68 -19.49
C SER A 117 2.73 -14.93 -17.97
N ARG A 118 2.62 -16.21 -17.57
CA ARG A 118 2.20 -16.54 -16.21
C ARG A 118 3.22 -16.12 -15.17
N LYS A 119 4.48 -16.49 -15.40
CA LYS A 119 5.56 -16.15 -14.48
C LYS A 119 5.68 -14.63 -14.27
N ASP A 120 5.70 -13.87 -15.37
CA ASP A 120 5.90 -12.43 -15.31
C ASP A 120 4.73 -11.67 -14.69
N ILE A 121 3.50 -12.08 -14.97
CA ILE A 121 2.33 -11.40 -14.42
C ILE A 121 2.18 -11.61 -12.92
N LEU A 122 2.35 -12.84 -12.47
CA LEU A 122 2.28 -13.13 -11.03
C LEU A 122 3.35 -12.33 -10.28
N LYS A 123 4.58 -12.40 -10.77
CA LYS A 123 5.69 -11.64 -10.19
C LYS A 123 5.38 -10.13 -10.20
N ASP A 124 4.71 -9.66 -11.25
CA ASP A 124 4.30 -8.27 -11.35
C ASP A 124 3.23 -7.90 -10.32
N LEU A 125 2.22 -8.75 -10.16
CA LEU A 125 1.09 -8.44 -9.27
C LEU A 125 1.50 -8.40 -7.80
N VAL A 126 2.34 -9.34 -7.36
CA VAL A 126 2.87 -9.35 -6.00
C VAL A 126 3.74 -8.10 -5.75
N GLU A 127 4.52 -7.71 -6.76
CA GLU A 127 5.41 -6.54 -6.67
C GLU A 127 4.70 -5.18 -6.71
N MET A 128 3.69 -5.01 -7.57
CA MET A 128 3.02 -3.70 -7.69
C MET A 128 2.09 -3.39 -6.52
N CYS A 129 1.74 -4.39 -5.72
CA CYS A 129 1.00 -4.18 -4.47
C CYS A 129 1.77 -3.35 -3.42
N ARG A 130 3.08 -3.20 -3.56
CA ARG A 130 3.87 -2.32 -2.68
C ARG A 130 3.37 -0.88 -2.64
N GLY A 131 2.58 -0.47 -3.63
CA GLY A 131 1.91 0.82 -3.65
C GLY A 131 0.99 1.11 -2.49
N VAL A 132 0.38 0.08 -1.89
CA VAL A 132 -0.52 0.30 -0.74
C VAL A 132 0.19 -0.05 0.58
N GLN A 133 0.72 0.98 1.25
CA GLN A 133 1.41 0.86 2.54
C GLN A 133 0.49 0.93 3.79
N HIS A 134 -0.78 1.28 3.60
CA HIS A 134 -1.74 1.37 4.69
C HIS A 134 -2.05 -0.07 5.15
N PRO A 135 -1.96 -0.35 6.47
CA PRO A 135 -2.14 -1.72 6.96
C PRO A 135 -3.43 -2.45 6.61
N LEU A 136 -4.58 -1.84 6.92
CA LEU A 136 -5.88 -2.48 6.69
C LEU A 136 -6.11 -2.72 5.21
N ARG A 137 -5.96 -1.66 4.43
CA ARG A 137 -6.24 -1.70 3.00
C ARG A 137 -5.21 -2.56 2.26
N GLY A 138 -3.96 -2.49 2.69
CA GLY A 138 -2.89 -3.34 2.17
C GLY A 138 -3.09 -4.82 2.45
N LEU A 139 -3.50 -5.16 3.66
CA LEU A 139 -3.80 -6.54 4.02
C LEU A 139 -4.93 -7.12 3.17
N PHE A 140 -6.00 -6.34 2.99
CA PHE A 140 -7.15 -6.80 2.19
C PHE A 140 -6.81 -6.87 0.71
N LEU A 141 -5.93 -6.00 0.23
CA LEU A 141 -5.47 -6.06 -1.17
C LEU A 141 -4.66 -7.32 -1.41
N ARG A 142 -3.72 -7.59 -0.51
CA ARG A 142 -2.84 -8.75 -0.63
C ARG A 142 -3.59 -10.06 -0.41
N ASN A 143 -4.62 -10.01 0.41
CA ASN A 143 -5.55 -11.11 0.55
C ASN A 143 -6.31 -11.39 -0.75
N TYR A 144 -6.82 -10.34 -1.39
CA TYR A 144 -7.49 -10.49 -2.70
C TYR A 144 -6.55 -11.03 -3.78
N LEU A 145 -5.28 -10.63 -3.74
CA LEU A 145 -4.29 -11.22 -4.63
C LEU A 145 -4.20 -12.72 -4.43
N LEU A 146 -4.18 -13.13 -3.17
CA LEU A 146 -3.97 -14.54 -2.81
C LEU A 146 -5.16 -15.43 -3.17
N GLN A 147 -6.38 -14.90 -3.03
CA GLN A 147 -7.60 -15.63 -3.42
C GLN A 147 -7.77 -15.75 -4.94
N CYS A 148 -7.65 -14.63 -5.68
CA CYS A 148 -7.70 -14.65 -7.16
C CYS A 148 -6.70 -15.61 -7.80
N THR A 149 -5.50 -15.72 -7.22
CA THR A 149 -4.44 -16.57 -7.75
C THR A 149 -4.45 -18.02 -7.21
N ARG A 150 -5.46 -18.40 -6.42
CA ARG A 150 -5.50 -19.72 -5.76
C ARG A 150 -5.26 -20.89 -6.72
N ASN A 151 -6.02 -20.92 -7.81
CA ASN A 151 -6.01 -22.07 -8.75
C ASN A 151 -4.96 -21.99 -9.83
N ILE A 152 -4.34 -20.83 -10.04
CA ILE A 152 -3.48 -20.60 -11.20
C ILE A 152 -1.97 -20.57 -10.92
N LEU A 153 -1.55 -20.72 -9.66
CA LEU A 153 -0.11 -20.74 -9.35
C LEU A 153 0.53 -22.01 -9.86
N PRO A 154 1.79 -21.94 -10.32
CA PRO A 154 2.55 -23.15 -10.69
C PRO A 154 2.54 -24.25 -9.64
N ASP A 155 2.67 -25.50 -10.10
CA ASP A 155 2.66 -26.69 -9.23
C ASP A 155 3.16 -27.91 -10.03
N GLU A 156 3.33 -29.05 -9.38
CA GLU A 156 3.97 -30.23 -10.01
C GLU A 156 3.06 -31.16 -10.82
N GLY A 157 1.81 -31.36 -10.37
CA GLY A 157 0.86 -32.22 -11.08
C GLY A 157 0.06 -31.47 -12.13
N GLU A 158 0.75 -30.82 -13.08
CA GLU A 158 0.11 -29.87 -14.00
C GLU A 158 -0.05 -30.43 -15.42
N PRO A 159 -1.06 -29.91 -16.18
CA PRO A 159 -1.12 -30.17 -17.62
C PRO A 159 0.18 -29.80 -18.33
N THR A 160 0.66 -30.68 -19.21
CA THR A 160 1.99 -30.53 -19.83
C THR A 160 1.96 -29.66 -21.11
N ASP A 161 1.62 -28.37 -20.93
CA ASP A 161 1.62 -27.39 -22.03
C ASP A 161 2.96 -26.66 -22.00
N GLU A 162 3.86 -27.02 -22.92
CA GLU A 162 5.26 -26.55 -22.87
C GLU A 162 5.47 -25.08 -23.30
N GLU A 163 4.38 -24.33 -23.51
CA GLU A 163 4.44 -22.87 -23.63
C GLU A 163 4.10 -22.12 -22.32
N THR A 164 3.89 -22.85 -21.21
CA THR A 164 3.69 -22.22 -19.90
C THR A 164 5.02 -21.79 -19.29
N THR A 165 4.95 -20.79 -18.41
CA THR A 165 6.12 -20.27 -17.68
C THR A 165 5.90 -20.41 -16.18
N GLY A 166 7.02 -20.61 -15.48
CA GLY A 166 7.02 -20.67 -14.02
C GLY A 166 6.86 -22.05 -13.43
N ASP A 167 7.69 -22.35 -12.44
CA ASP A 167 7.68 -23.64 -11.75
C ASP A 167 7.37 -23.46 -10.26
N ILE A 168 7.38 -24.57 -9.52
CA ILE A 168 7.15 -24.59 -8.06
C ILE A 168 7.99 -23.57 -7.26
N SER A 169 9.24 -23.32 -7.68
CA SER A 169 10.09 -22.30 -7.03
C SER A 169 9.48 -20.90 -7.08
N ASP A 170 8.90 -20.56 -8.23
CA ASP A 170 8.28 -19.25 -8.43
C ASP A 170 7.04 -19.11 -7.57
N SER A 171 6.32 -20.22 -7.38
CA SER A 171 5.13 -20.20 -6.51
C SER A 171 5.51 -20.02 -5.05
N MET A 172 6.54 -20.72 -4.60
CA MET A 172 7.03 -20.58 -3.23
C MET A 172 7.49 -19.13 -2.95
N ASP A 173 8.27 -18.54 -3.84
CA ASP A 173 8.64 -17.12 -3.70
C ASP A 173 7.45 -16.17 -3.76
N PHE A 174 6.47 -16.46 -4.61
CA PHE A 174 5.27 -15.63 -4.72
C PHE A 174 4.54 -15.54 -3.38
N VAL A 175 4.30 -16.68 -2.75
CA VAL A 175 3.52 -16.72 -1.52
C VAL A 175 4.33 -16.28 -0.31
N LEU A 176 5.59 -16.71 -0.22
CA LEU A 176 6.48 -16.23 0.84
C LEU A 176 6.65 -14.71 0.83
N LEU A 177 6.78 -14.12 -0.36
CA LEU A 177 6.91 -12.69 -0.50
C LEU A 177 5.63 -11.99 -0.02
N ASN A 178 4.48 -12.42 -0.54
CA ASN A 178 3.20 -11.90 -0.09
C ASN A 178 3.01 -12.08 1.42
N PHE A 179 3.42 -13.23 1.96
CA PHE A 179 3.40 -13.48 3.40
C PHE A 179 4.20 -12.43 4.18
N ALA A 180 5.43 -12.19 3.75
CA ALA A 180 6.31 -11.25 4.47
C ALA A 180 5.77 -9.81 4.48
N GLU A 181 5.11 -9.43 3.40
CA GLU A 181 4.53 -8.09 3.27
C GLU A 181 3.28 -7.97 4.16
N MET A 182 2.44 -9.00 4.14
CA MET A 182 1.22 -9.01 4.97
C MET A 182 1.55 -9.02 6.46
N ASN A 183 2.52 -9.83 6.86
CA ASN A 183 2.96 -9.84 8.26
C ASN A 183 3.52 -8.49 8.72
N LYS A 184 4.40 -7.92 7.90
CA LYS A 184 4.89 -6.56 8.05
C LYS A 184 3.77 -5.51 8.28
N LEU A 185 2.74 -5.51 7.41
CA LEU A 185 1.57 -4.63 7.58
C LEU A 185 0.82 -4.95 8.84
N TRP A 186 0.62 -6.24 9.10
CA TRP A 186 -0.16 -6.68 10.26
C TRP A 186 0.50 -6.26 11.57
N VAL A 187 1.82 -6.38 11.65
CA VAL A 187 2.59 -5.93 12.83
C VAL A 187 2.57 -4.41 12.95
N ARG A 188 2.60 -3.74 11.81
CA ARG A 188 2.59 -2.27 11.75
C ARG A 188 1.35 -1.68 12.43
N MET A 189 0.23 -2.39 12.37
CA MET A 189 -1.01 -2.02 13.07
C MET A 189 -0.84 -1.82 14.57
N GLN A 190 0.11 -2.49 15.18
CA GLN A 190 0.46 -2.28 16.59
C GLN A 190 0.77 -0.81 16.94
N HIS A 191 1.27 -0.02 15.98
CA HIS A 191 1.75 1.35 16.26
C HIS A 191 0.94 2.50 15.63
N GLN A 192 -0.17 2.22 14.93
CA GLN A 192 -1.00 3.29 14.33
C GLN A 192 -2.15 3.75 15.24
N GLY A 193 -2.59 4.99 15.07
CA GLY A 193 -3.64 5.60 15.91
C GLY A 193 -3.09 6.22 17.18
N HIS A 194 -3.96 6.37 18.17
CA HIS A 194 -3.61 6.99 19.46
C HIS A 194 -3.21 5.94 20.49
N SER A 195 -2.34 6.31 21.43
CA SER A 195 -1.74 5.36 22.40
C SER A 195 -2.69 4.77 23.47
N ARG A 196 -3.89 5.34 23.60
CA ARG A 196 -4.91 4.86 24.56
C ARG A 196 -5.86 3.82 23.96
N ASP A 197 -5.67 3.46 22.68
CA ASP A 197 -6.44 2.38 22.06
C ASP A 197 -5.54 1.16 21.79
N ARG A 198 -4.72 0.81 22.78
CA ARG A 198 -3.78 -0.31 22.67
C ARG A 198 -4.50 -1.65 22.75
N GLU A 199 -5.41 -1.76 23.71
CA GLU A 199 -6.27 -2.95 23.87
C GLU A 199 -7.26 -3.13 22.70
N LYS A 200 -7.71 -2.02 22.11
CA LYS A 200 -8.59 -2.06 20.93
C LYS A 200 -7.82 -2.51 19.69
N ARG A 201 -6.60 -2.00 19.53
CA ARG A 201 -5.74 -2.40 18.41
C ARG A 201 -5.41 -3.88 18.41
N GLU A 202 -4.98 -4.39 19.56
CA GLU A 202 -4.69 -5.81 19.73
C GLU A 202 -5.94 -6.66 19.46
N ARG A 203 -7.12 -6.15 19.83
CA ARG A 203 -8.39 -6.78 19.46
C ARG A 203 -8.61 -6.77 17.94
N GLU A 204 -8.39 -5.62 17.31
CA GLU A 204 -8.51 -5.49 15.84
C GLU A 204 -7.54 -6.40 15.08
N ARG A 205 -6.27 -6.39 15.50
CA ARG A 205 -5.27 -7.28 14.93
C ARG A 205 -5.64 -8.75 15.05
N GLN A 206 -6.17 -9.13 16.22
CA GLN A 206 -6.62 -10.49 16.46
C GLN A 206 -7.64 -10.95 15.43
N GLU A 207 -8.59 -10.08 15.11
CA GLU A 207 -9.62 -10.39 14.13
C GLU A 207 -8.99 -10.67 12.77
N LEU A 208 -8.04 -9.84 12.37
CA LEU A 208 -7.41 -9.95 11.04
C LEU A 208 -6.34 -11.06 10.88
N ARG A 209 -6.05 -11.82 11.92
CA ARG A 209 -4.99 -12.86 11.86
C ARG A 209 -5.18 -13.89 10.74
N ILE A 210 -6.43 -14.24 10.46
CA ILE A 210 -6.75 -15.19 9.38
C ILE A 210 -6.21 -14.75 7.99
N LEU A 211 -6.16 -13.44 7.74
CA LEU A 211 -5.63 -12.92 6.47
C LEU A 211 -4.14 -13.26 6.30
N VAL A 212 -3.36 -13.09 7.36
CA VAL A 212 -1.93 -13.40 7.32
C VAL A 212 -1.69 -14.92 7.25
N GLY A 213 -2.45 -15.68 8.02
CA GLY A 213 -2.31 -17.14 8.09
C GLY A 213 -2.69 -17.91 6.84
N THR A 214 -3.53 -17.31 5.98
CA THR A 214 -3.91 -17.91 4.69
C THR A 214 -2.70 -18.16 3.77
N ASN A 215 -1.66 -17.36 3.93
CA ASN A 215 -0.41 -17.55 3.18
C ASN A 215 0.24 -18.87 3.49
N LEU A 216 0.32 -19.24 4.78
CA LEU A 216 0.90 -20.52 5.19
C LEU A 216 0.01 -21.66 4.73
N VAL A 217 -1.31 -21.46 4.83
CA VAL A 217 -2.30 -22.42 4.31
C VAL A 217 -2.05 -22.70 2.82
N ARG A 218 -1.89 -21.63 2.05
CA ARG A 218 -1.63 -21.74 0.60
C ARG A 218 -0.33 -22.50 0.30
N LEU A 219 0.71 -22.27 1.08
CA LEU A 219 1.97 -23.02 0.96
C LEU A 219 1.82 -24.52 1.20
N SER A 220 0.96 -24.91 2.13
CA SER A 220 0.69 -26.33 2.39
C SER A 220 -0.13 -27.00 1.29
N GLN A 221 -0.97 -26.23 0.62
CA GLN A 221 -1.77 -26.73 -0.50
C GLN A 221 -0.98 -27.02 -1.78
N LEU A 222 0.25 -26.52 -1.89
CA LEU A 222 1.08 -26.76 -3.07
C LEU A 222 1.60 -28.20 -3.05
N GLU A 223 1.19 -28.99 -4.04
CA GLU A 223 1.60 -30.40 -4.14
C GLU A 223 3.12 -30.54 -4.30
N GLY A 224 3.74 -29.59 -4.99
CA GLY A 224 5.19 -29.57 -5.16
C GLY A 224 6.03 -29.25 -3.92
N VAL A 225 5.41 -28.84 -2.82
CA VAL A 225 6.12 -28.60 -1.55
C VAL A 225 6.36 -29.93 -0.84
N ASN A 226 7.47 -30.58 -1.19
CA ASN A 226 7.90 -31.80 -0.50
C ASN A 226 8.70 -31.45 0.77
N VAL A 227 9.09 -32.47 1.52
CA VAL A 227 9.83 -32.31 2.79
C VAL A 227 11.16 -31.55 2.67
N GLU A 228 11.86 -31.70 1.56
CA GLU A 228 13.18 -31.04 1.39
C GLU A 228 13.01 -29.55 1.05
N ARG A 229 11.97 -29.24 0.27
CA ARG A 229 11.61 -27.85 0.02
C ARG A 229 11.08 -27.15 1.26
N TYR A 230 10.38 -27.90 2.12
CA TYR A 230 9.92 -27.37 3.40
C TYR A 230 11.11 -27.01 4.30
N LYS A 231 12.00 -27.98 4.50
CA LYS A 231 13.23 -27.76 5.29
C LYS A 231 14.03 -26.55 4.82
N GLN A 232 14.33 -26.51 3.52
CA GLN A 232 15.27 -25.52 2.98
C GLN A 232 14.68 -24.17 2.60
N ILE A 233 13.43 -24.14 2.11
CA ILE A 233 12.82 -22.91 1.59
C ILE A 233 11.65 -22.38 2.43
N VAL A 234 10.60 -23.18 2.60
CA VAL A 234 9.33 -22.68 3.16
C VAL A 234 9.42 -22.39 4.65
N LEU A 235 9.84 -23.37 5.45
CA LEU A 235 10.02 -23.13 6.89
C LEU A 235 11.16 -22.15 7.14
N THR A 236 12.19 -22.18 6.30
CA THR A 236 13.29 -21.22 6.41
C THR A 236 12.80 -19.79 6.14
N GLY A 237 11.94 -19.64 5.15
CA GLY A 237 11.29 -18.38 4.89
C GLY A 237 10.40 -17.93 6.01
N ILE A 238 9.52 -18.83 6.48
CA ILE A 238 8.54 -18.50 7.52
C ILE A 238 9.23 -18.13 8.84
N LEU A 239 10.17 -18.96 9.29
CA LEU A 239 10.89 -18.69 10.54
C LEU A 239 11.70 -17.38 10.52
N GLU A 240 12.17 -16.97 9.35
CA GLU A 240 12.92 -15.71 9.23
C GLU A 240 12.04 -14.50 9.59
N GLN A 241 10.79 -14.50 9.12
CA GLN A 241 9.83 -13.45 9.47
C GLN A 241 9.39 -13.54 10.93
N VAL A 242 9.15 -14.77 11.41
CA VAL A 242 8.63 -15.02 12.76
C VAL A 242 9.58 -14.54 13.86
N VAL A 243 10.85 -14.92 13.77
CA VAL A 243 11.80 -14.54 14.80
C VAL A 243 12.19 -13.07 14.73
N ASN A 244 12.11 -12.47 13.54
CA ASN A 244 12.53 -11.08 13.35
C ASN A 244 11.41 -10.05 13.53
N CYS A 245 10.15 -10.49 13.50
CA CYS A 245 9.02 -9.57 13.68
C CYS A 245 8.94 -9.05 15.10
N ARG A 246 9.51 -9.81 16.05
CA ARG A 246 9.65 -9.39 17.45
C ARG A 246 8.33 -8.96 18.09
N ASP A 247 7.24 -9.61 17.68
CA ASP A 247 5.90 -9.24 18.10
C ASP A 247 5.21 -10.49 18.64
N ALA A 248 4.89 -10.47 19.93
CA ALA A 248 4.35 -11.65 20.62
C ALA A 248 3.07 -12.19 20.01
N LEU A 249 2.16 -11.28 19.67
CA LEU A 249 0.86 -11.66 19.10
C LEU A 249 1.01 -12.44 17.79
N ALA A 250 1.84 -11.95 16.88
CA ALA A 250 2.09 -12.63 15.60
C ALA A 250 2.93 -13.89 15.77
N GLN A 251 3.99 -13.82 16.57
CA GLN A 251 4.83 -14.99 16.84
C GLN A 251 4.01 -16.18 17.36
N GLU A 252 3.19 -15.93 18.38
CA GLU A 252 2.37 -16.96 19.00
C GLU A 252 1.39 -17.54 17.99
N TYR A 253 0.72 -16.66 17.24
CA TYR A 253 -0.23 -17.09 16.22
C TYR A 253 0.43 -17.89 15.09
N LEU A 254 1.54 -17.36 14.56
CA LEU A 254 2.17 -17.95 13.39
C LEU A 254 2.81 -19.30 13.68
N MET A 255 3.39 -19.45 14.87
CA MET A 255 3.96 -20.74 15.28
C MET A 255 2.87 -21.81 15.46
N GLU A 256 1.75 -21.44 16.07
CA GLU A 256 0.61 -22.36 16.19
C GLU A 256 0.08 -22.74 14.80
N CYS A 257 -0.01 -21.74 13.95
CA CYS A 257 -0.52 -21.89 12.58
C CYS A 257 0.33 -22.85 11.72
N ILE A 258 1.65 -22.81 11.91
CA ILE A 258 2.56 -23.81 11.32
C ILE A 258 2.15 -25.22 11.70
N ILE A 259 2.08 -25.47 13.01
CA ILE A 259 1.76 -26.81 13.55
C ILE A 259 0.48 -27.34 12.91
N GLN A 260 -0.55 -26.52 12.87
CA GLN A 260 -1.86 -26.89 12.33
C GLN A 260 -1.88 -27.20 10.82
N VAL A 261 -1.14 -26.42 10.05
CA VAL A 261 -1.33 -26.37 8.59
C VAL A 261 -0.50 -27.42 7.84
N PHE A 262 0.73 -27.64 8.28
CA PHE A 262 1.63 -28.60 7.64
C PHE A 262 1.50 -30.02 8.21
N PRO A 263 1.85 -31.04 7.41
CA PRO A 263 1.74 -32.43 7.86
C PRO A 263 2.78 -32.85 8.90
N ASP A 264 2.52 -33.98 9.55
CA ASP A 264 3.39 -34.51 10.59
C ASP A 264 4.67 -35.09 10.01
N GLU A 265 4.63 -35.56 8.76
CA GLU A 265 5.84 -35.95 8.02
C GLU A 265 6.88 -34.82 8.03
N PHE A 266 6.41 -33.60 7.80
CA PHE A 266 7.27 -32.40 7.80
C PHE A 266 7.72 -32.03 9.22
N HIS A 267 6.81 -32.10 10.19
CA HIS A 267 7.14 -31.80 11.61
C HIS A 267 8.25 -32.68 12.17
N LEU A 268 8.23 -33.97 11.82
CA LEU A 268 9.25 -34.94 12.31
C LEU A 268 10.67 -34.67 11.80
N GLN A 269 10.78 -34.15 10.58
CA GLN A 269 12.09 -33.78 10.01
C GLN A 269 12.59 -32.41 10.46
N THR A 270 11.76 -31.62 11.16
CA THR A 270 12.07 -30.22 11.47
C THR A 270 11.95 -29.83 12.95
N LEU A 271 11.88 -30.82 13.85
CA LEU A 271 11.67 -30.58 15.29
C LEU A 271 12.69 -29.65 15.93
N ASN A 272 13.98 -29.91 15.72
CA ASN A 272 15.04 -29.11 16.36
C ASN A 272 15.11 -27.64 15.88
N PRO A 273 14.93 -27.40 14.57
CA PRO A 273 14.70 -26.02 14.07
C PRO A 273 13.45 -25.32 14.61
N PHE A 274 12.34 -26.04 14.75
CA PHE A 274 11.11 -25.47 15.28
C PHE A 274 11.24 -25.12 16.75
N LEU A 275 11.84 -26.03 17.53
CA LEU A 275 11.99 -25.81 18.97
C LEU A 275 13.10 -24.80 19.29
N ARG A 276 14.15 -24.75 18.46
CA ARG A 276 15.15 -23.67 18.59
C ARG A 276 14.54 -22.30 18.34
N ALA A 277 13.55 -22.24 17.45
CA ALA A 277 12.80 -21.00 17.19
C ALA A 277 11.89 -20.64 18.36
N CYS A 278 11.29 -21.62 19.02
CA CYS A 278 10.45 -21.39 20.20
C CYS A 278 11.22 -20.67 21.32
N ALA A 279 12.52 -21.00 21.47
CA ALA A 279 13.38 -20.36 22.46
C ALA A 279 13.78 -18.92 22.14
N GLU A 280 13.55 -18.48 20.90
CA GLU A 280 13.88 -17.12 20.46
C GLU A 280 12.71 -16.15 20.55
N LEU A 281 11.52 -16.65 20.86
CA LEU A 281 10.31 -15.83 20.79
C LEU A 281 10.25 -14.86 21.96
N HIS A 282 9.40 -13.85 21.79
CA HIS A 282 9.20 -12.77 22.76
C HIS A 282 8.69 -13.36 24.08
N GLN A 283 9.08 -12.75 25.20
CA GLN A 283 8.78 -13.29 26.54
C GLN A 283 7.28 -13.41 26.86
N ASN A 284 6.47 -12.49 26.35
CA ASN A 284 5.01 -12.59 26.43
C ASN A 284 4.33 -13.67 25.56
N VAL A 285 5.09 -14.48 24.83
CA VAL A 285 4.52 -15.59 24.06
C VAL A 285 4.30 -16.81 24.96
N ASN A 286 3.12 -17.40 24.86
CA ASN A 286 2.82 -18.67 25.51
C ASN A 286 3.50 -19.84 24.78
N VAL A 287 4.76 -20.06 25.12
CA VAL A 287 5.57 -21.10 24.50
C VAL A 287 5.09 -22.49 24.92
N LYS A 288 4.62 -22.60 26.16
CA LYS A 288 3.97 -23.82 26.66
C LYS A 288 2.91 -24.33 25.68
N ASN A 289 1.97 -23.46 25.28
CA ASN A 289 0.90 -23.84 24.34
C ASN A 289 1.39 -24.26 22.95
N ILE A 290 2.49 -23.68 22.49
CA ILE A 290 3.08 -24.05 21.20
C ILE A 290 3.60 -25.48 21.28
N ILE A 291 4.40 -25.76 22.30
CA ILE A 291 5.02 -27.07 22.47
C ILE A 291 3.95 -28.13 22.71
N ILE A 292 2.95 -27.83 23.53
CA ILE A 292 1.84 -28.77 23.83
C ILE A 292 1.02 -29.13 22.56
N ALA A 293 0.63 -28.12 21.78
CA ALA A 293 -0.10 -28.35 20.52
C ALA A 293 0.65 -29.22 19.50
N LEU A 294 1.98 -29.14 19.51
CA LEU A 294 2.82 -29.95 18.61
C LEU A 294 2.84 -31.39 19.08
N ILE A 295 3.09 -31.60 20.37
CA ILE A 295 3.10 -32.93 20.96
C ILE A 295 1.74 -33.61 20.78
N ASP A 296 0.66 -32.88 21.05
CA ASP A 296 -0.71 -33.39 20.85
C ASP A 296 -0.96 -33.83 19.40
N ARG A 297 -0.37 -33.13 18.44
CA ARG A 297 -0.53 -33.50 17.04
C ARG A 297 0.24 -34.77 16.66
N LEU A 298 1.45 -34.91 17.20
CA LEU A 298 2.30 -36.10 16.96
C LEU A 298 1.75 -37.34 17.67
N ALA A 299 1.03 -37.14 18.78
CA ALA A 299 0.36 -38.23 19.49
C ALA A 299 -0.77 -38.84 18.66
N LEU A 300 -1.60 -38.01 18.04
CA LEU A 300 -2.64 -38.50 17.11
C LEU A 300 -2.06 -39.15 15.85
N PHE A 301 -0.83 -38.81 15.49
CA PHE A 301 -0.11 -39.42 14.36
C PHE A 301 0.51 -40.79 14.68
N ALA A 302 0.81 -41.03 15.95
CA ALA A 302 1.34 -42.34 16.38
C ALA A 302 0.27 -43.44 16.35
N HIS A 303 -0.93 -43.11 16.81
CA HIS A 303 -2.06 -44.05 16.87
C HIS A 303 -2.85 -44.19 15.55
N ARG A 304 -2.54 -43.38 14.55
CA ARG A 304 -3.19 -43.50 13.23
C ARG A 304 -2.57 -44.64 12.43
N GLU A 305 -3.31 -45.74 12.29
CA GLU A 305 -2.86 -46.89 11.49
C GLU A 305 -3.22 -46.65 10.02
N ASP A 306 -2.64 -47.46 9.13
CA ASP A 306 -2.63 -47.23 7.67
C ASP A 306 -1.83 -45.97 7.34
N GLY A 307 -0.80 -45.71 8.15
CA GLY A 307 0.16 -44.64 7.95
C GLY A 307 1.52 -45.16 8.42
N PRO A 308 2.61 -44.46 8.06
CA PRO A 308 3.94 -45.00 8.35
C PRO A 308 4.31 -45.05 9.85
N GLY A 309 3.68 -44.22 10.68
CA GLY A 309 4.03 -44.12 12.09
C GLY A 309 5.27 -43.27 12.28
N ILE A 310 5.92 -43.42 13.44
CA ILE A 310 7.09 -42.63 13.81
C ILE A 310 8.37 -43.46 13.55
N PRO A 311 9.24 -43.01 12.62
CA PRO A 311 10.52 -43.68 12.36
C PRO A 311 11.38 -43.94 13.61
N ALA A 312 12.22 -44.98 13.53
CA ALA A 312 13.10 -45.36 14.65
C ALA A 312 14.29 -44.41 14.84
N ASP A 313 14.66 -43.67 13.80
CA ASP A 313 15.78 -42.70 13.87
C ASP A 313 15.38 -41.33 14.45
N ILE A 314 14.09 -40.99 14.41
CA ILE A 314 13.58 -39.79 15.07
C ILE A 314 13.28 -40.13 16.54
N LYS A 315 14.24 -39.85 17.41
CA LYS A 315 14.12 -40.18 18.84
C LYS A 315 13.30 -39.10 19.54
N LEU A 316 11.97 -39.17 19.42
CA LEU A 316 11.08 -38.12 19.92
C LEU A 316 11.33 -37.73 21.36
N PHE A 317 11.39 -38.71 22.25
CA PHE A 317 11.53 -38.45 23.69
C PHE A 317 12.80 -37.66 24.01
N ASP A 318 13.92 -38.06 23.43
CA ASP A 318 15.20 -37.40 23.66
C ASP A 318 15.22 -35.98 23.12
N ILE A 319 14.56 -35.77 21.98
CA ILE A 319 14.46 -34.44 21.37
C ILE A 319 13.62 -33.50 22.25
N PHE A 320 12.39 -33.89 22.55
CA PHE A 320 11.48 -33.06 23.34
C PHE A 320 11.92 -32.88 24.80
N SER A 321 12.47 -33.91 25.43
CA SER A 321 13.02 -33.78 26.79
C SER A 321 14.09 -32.69 26.86
N GLN A 322 14.95 -32.69 25.85
CA GLN A 322 16.10 -31.82 25.82
C GLN A 322 15.74 -30.39 25.42
N GLN A 323 14.84 -30.24 24.44
CA GLN A 323 14.42 -28.93 23.95
C GLN A 323 13.45 -28.21 24.89
N VAL A 324 12.51 -28.95 25.48
CA VAL A 324 11.59 -28.39 26.48
C VAL A 324 12.40 -27.81 27.63
N ALA A 325 13.42 -28.52 28.08
CA ALA A 325 14.37 -28.00 29.09
C ALA A 325 15.00 -26.69 28.63
N THR A 326 15.50 -26.68 27.39
CA THR A 326 16.19 -25.51 26.83
C THR A 326 15.25 -24.31 26.64
N VAL A 327 14.03 -24.57 26.17
CA VAL A 327 13.01 -23.54 26.04
C VAL A 327 12.70 -22.90 27.41
N ILE A 328 12.48 -23.73 28.43
CA ILE A 328 12.16 -23.24 29.78
C ILE A 328 13.31 -22.38 30.34
N GLN A 329 14.55 -22.76 30.03
CA GLN A 329 15.72 -21.96 30.40
C GLN A 329 15.70 -20.58 29.72
N SER A 330 15.24 -20.54 28.46
CA SER A 330 15.12 -19.27 27.71
C SER A 330 14.07 -18.29 28.25
N ARG A 331 13.08 -18.77 29.01
CA ARG A 331 12.06 -17.91 29.60
C ARG A 331 12.57 -17.23 30.87
N GLN A 332 12.20 -15.97 31.06
CA GLN A 332 12.64 -15.18 32.21
C GLN A 332 11.82 -15.48 33.46
N ASP A 333 10.51 -15.56 33.33
CA ASP A 333 9.63 -15.76 34.47
C ASP A 333 8.45 -16.68 34.12
N MET A 334 8.75 -17.95 33.91
CA MET A 334 7.72 -18.94 33.63
C MET A 334 7.14 -19.46 34.96
N PRO A 335 5.79 -19.39 35.13
CA PRO A 335 5.16 -19.93 36.34
C PRO A 335 5.43 -21.42 36.54
N SER A 336 5.56 -21.85 37.80
CA SER A 336 5.90 -23.24 38.11
C SER A 336 4.85 -24.23 37.61
N GLU A 337 3.58 -23.83 37.66
CA GLU A 337 2.50 -24.65 37.10
C GLU A 337 2.70 -24.97 35.60
N ASP A 338 3.23 -24.02 34.85
CA ASP A 338 3.45 -24.17 33.40
C ASP A 338 4.57 -25.16 33.12
N VAL A 339 5.66 -25.07 33.88
CA VAL A 339 6.77 -26.05 33.82
C VAL A 339 6.24 -27.48 34.03
N VAL A 340 5.30 -27.64 34.96
CA VAL A 340 4.71 -28.93 35.28
C VAL A 340 3.69 -29.38 34.21
N SER A 341 2.95 -28.43 33.62
CA SER A 341 2.07 -28.71 32.48
C SER A 341 2.84 -29.31 31.29
N LEU A 342 4.10 -28.93 31.16
CA LEU A 342 4.99 -29.47 30.11
C LEU A 342 5.47 -30.90 30.42
N GLN A 343 5.77 -31.17 31.70
CA GLN A 343 6.06 -32.54 32.14
C GLN A 343 4.90 -33.48 31.81
N VAL A 344 3.66 -32.99 31.94
CA VAL A 344 2.47 -33.78 31.63
C VAL A 344 2.44 -34.18 30.16
N SER A 345 2.75 -33.24 29.26
CA SER A 345 2.78 -33.54 27.83
C SER A 345 3.96 -34.44 27.45
N LEU A 346 5.08 -34.32 28.15
CA LEU A 346 6.21 -35.26 27.98
C LEU A 346 5.83 -36.69 28.39
N ILE A 347 5.06 -36.84 29.48
CA ILE A 347 4.49 -38.14 29.85
C ILE A 347 3.55 -38.57 28.73
N ASN A 348 2.56 -37.74 28.45
CA ASN A 348 1.56 -38.02 27.42
C ASN A 348 2.20 -38.45 26.09
N LEU A 349 3.27 -37.76 25.68
CA LEU A 349 4.05 -38.12 24.48
C LEU A 349 4.61 -39.53 24.60
N ALA A 350 5.35 -39.76 25.68
CA ALA A 350 5.96 -41.06 25.95
C ALA A 350 4.96 -42.22 26.04
N MET A 351 3.76 -41.95 26.56
CA MET A 351 2.70 -42.98 26.67
C MET A 351 2.21 -43.37 25.27
N LYS A 352 1.87 -42.36 24.47
CA LYS A 352 1.21 -42.58 23.18
C LYS A 352 2.16 -42.96 22.04
N CYS A 353 3.40 -42.47 22.08
CA CYS A 353 4.40 -42.76 21.05
C CYS A 353 5.27 -43.98 21.37
N TYR A 354 5.41 -44.32 22.66
CA TYR A 354 6.21 -45.46 23.10
C TYR A 354 5.55 -46.19 24.30
N PRO A 355 4.40 -46.86 24.09
CA PRO A 355 3.73 -47.56 25.22
C PRO A 355 4.59 -48.61 25.93
N ASP A 356 5.39 -49.32 25.13
CA ASP A 356 6.42 -50.26 25.61
C ASP A 356 7.39 -49.75 26.70
N ARG A 357 7.91 -48.53 26.52
CA ARG A 357 9.06 -48.08 27.30
C ARG A 357 8.66 -47.32 28.56
N VAL A 358 8.51 -48.09 29.64
CA VAL A 358 8.15 -47.58 30.98
C VAL A 358 9.25 -46.70 31.59
N ASP A 359 10.51 -47.02 31.31
CA ASP A 359 11.66 -46.23 31.78
C ASP A 359 11.63 -44.74 31.35
N TYR A 360 11.03 -44.45 30.19
CA TYR A 360 10.79 -43.06 29.76
C TYR A 360 9.81 -42.34 30.69
N VAL A 361 8.66 -42.98 30.96
CA VAL A 361 7.63 -42.41 31.85
C VAL A 361 8.21 -42.14 33.24
N ASP A 362 9.06 -43.04 33.72
CA ASP A 362 9.74 -42.85 35.01
C ASP A 362 10.79 -41.73 34.97
N LYS A 363 11.49 -41.58 33.85
CA LYS A 363 12.48 -40.48 33.69
C LYS A 363 11.82 -39.09 33.74
N VAL A 364 10.59 -38.98 33.25
CA VAL A 364 9.86 -37.71 33.37
C VAL A 364 9.62 -37.45 34.84
N LEU A 365 9.09 -38.45 35.54
CA LEU A 365 8.82 -38.36 36.98
C LEU A 365 10.10 -38.11 37.79
N GLU A 366 11.22 -38.69 37.36
CA GLU A 366 12.53 -38.43 37.97
C GLU A 366 12.95 -36.97 37.77
N THR A 367 12.79 -36.47 36.55
CA THR A 367 13.09 -35.07 36.23
C THR A 367 12.11 -34.13 36.95
N THR A 368 10.83 -34.51 36.99
CA THR A 368 9.82 -33.75 37.72
C THR A 368 10.23 -33.59 39.19
N VAL A 369 10.69 -34.68 39.82
CA VAL A 369 11.25 -34.61 41.19
C VAL A 369 12.37 -33.58 41.26
N GLU A 370 13.35 -33.69 40.37
CA GLU A 370 14.49 -32.75 40.31
C GLU A 370 14.01 -31.29 40.22
N ILE A 371 12.93 -31.05 39.46
CA ILE A 371 12.34 -29.72 39.34
C ILE A 371 11.80 -29.26 40.69
N PHE A 372 10.93 -30.06 41.29
CA PHE A 372 10.36 -29.78 42.63
C PHE A 372 11.44 -29.67 43.71
N ASN A 373 12.46 -30.52 43.62
CA ASN A 373 13.60 -30.50 44.54
C ASN A 373 14.43 -29.22 44.37
N LYS A 374 14.77 -28.90 43.11
CA LYS A 374 15.52 -27.69 42.77
C LYS A 374 14.78 -26.44 43.24
N LEU A 375 13.51 -26.34 42.88
CA LEU A 375 12.65 -25.23 43.35
C LEU A 375 12.57 -25.29 44.87
N ASN A 376 13.08 -24.26 45.54
CA ASN A 376 13.01 -24.16 46.99
C ASN A 376 11.58 -23.83 47.42
N LEU A 377 10.72 -24.85 47.42
CA LEU A 377 9.27 -24.67 47.51
C LEU A 377 8.72 -24.65 48.93
N GLU A 378 7.94 -23.60 49.22
CA GLU A 378 7.04 -23.58 50.37
C GLU A 378 5.90 -24.57 50.11
N HIS A 379 5.30 -25.09 51.17
CA HIS A 379 4.25 -26.14 51.09
C HIS A 379 3.18 -25.81 50.05
N ILE A 380 2.86 -26.77 49.21
CA ILE A 380 1.96 -26.56 48.07
C ILE A 380 0.53 -26.96 48.47
N ALA A 381 -0.35 -25.98 48.59
CA ALA A 381 -1.75 -26.21 48.94
C ALA A 381 -2.50 -26.90 47.80
N THR A 382 -3.57 -27.61 48.14
CA THR A 382 -4.43 -28.27 47.16
C THR A 382 -5.08 -27.24 46.21
N SER A 383 -5.34 -26.04 46.72
CA SER A 383 -5.87 -24.92 45.91
C SER A 383 -4.85 -24.30 44.92
N SER A 384 -3.55 -24.46 45.17
CA SER A 384 -2.49 -24.01 44.25
C SER A 384 -2.58 -24.73 42.89
N ALA A 385 -2.20 -24.01 41.83
CA ALA A 385 -2.23 -24.54 40.45
C ALA A 385 -1.14 -25.59 40.17
N VAL A 386 -0.03 -25.51 40.92
CA VAL A 386 1.03 -26.52 40.86
C VAL A 386 0.46 -27.89 41.24
N SER A 387 -0.31 -27.92 42.33
CA SER A 387 -0.93 -29.14 42.83
C SER A 387 -1.92 -29.71 41.83
N LYS A 388 -2.76 -28.83 41.25
CA LYS A 388 -3.69 -29.22 40.18
C LYS A 388 -3.01 -30.04 39.09
N GLU A 389 -1.86 -29.54 38.60
CA GLU A 389 -1.15 -30.19 37.50
C GLU A 389 -0.42 -31.46 37.95
N LEU A 390 0.24 -31.41 39.10
CA LEU A 390 0.91 -32.61 39.65
C LEU A 390 -0.07 -33.76 39.89
N THR A 391 -1.28 -33.43 40.35
CA THR A 391 -2.38 -34.39 40.44
C THR A 391 -2.75 -34.95 39.06
N ARG A 392 -2.93 -34.06 38.08
CA ARG A 392 -3.29 -34.45 36.70
C ARG A 392 -2.17 -35.29 36.07
N LEU A 393 -0.92 -34.96 36.41
CA LEU A 393 0.27 -35.67 35.94
C LEU A 393 0.25 -37.12 36.39
N LEU A 394 0.12 -37.30 37.71
CA LEU A 394 0.16 -38.64 38.33
C LEU A 394 -1.04 -39.51 37.96
N LYS A 395 -2.19 -38.89 37.74
CA LYS A 395 -3.39 -39.61 37.32
C LYS A 395 -3.34 -40.22 35.91
N ILE A 396 -2.46 -39.71 35.03
CA ILE A 396 -2.39 -40.21 33.64
C ILE A 396 -1.87 -41.66 33.53
N PRO A 397 -0.72 -41.99 34.18
CA PRO A 397 -0.30 -43.40 34.25
C PRO A 397 -1.35 -44.34 34.87
N VAL A 398 -2.01 -43.87 35.94
CA VAL A 398 -3.03 -44.65 36.65
C VAL A 398 -4.29 -44.84 35.79
N ASP A 399 -4.74 -43.78 35.12
CA ASP A 399 -5.93 -43.84 34.26
C ASP A 399 -5.67 -44.59 32.95
N THR A 400 -4.53 -44.33 32.31
CA THR A 400 -4.29 -44.79 30.93
C THR A 400 -3.87 -46.27 30.82
N TYR A 401 -2.94 -46.72 31.66
CA TYR A 401 -2.40 -48.11 31.57
C TYR A 401 -3.48 -49.18 31.75
N ASN A 402 -3.30 -50.31 31.05
CA ASN A 402 -4.20 -51.47 31.14
C ASN A 402 -4.16 -52.09 32.53
N ASN A 403 -2.94 -52.40 32.96
CA ASN A 403 -2.68 -53.12 34.19
C ASN A 403 -2.04 -52.18 35.22
N ILE A 404 -2.73 -51.96 36.34
CA ILE A 404 -2.28 -51.00 37.36
C ILE A 404 -1.04 -51.48 38.15
N LEU A 405 -0.75 -52.79 38.09
CA LEU A 405 0.52 -53.33 38.61
C LEU A 405 1.73 -52.58 38.05
N THR A 406 1.73 -52.33 36.74
CA THR A 406 2.86 -51.67 36.05
C THR A 406 3.19 -50.25 36.61
N VAL A 407 2.19 -49.55 37.15
CA VAL A 407 2.36 -48.24 37.79
C VAL A 407 3.14 -48.35 39.10
N LEU A 408 2.85 -49.39 39.89
CA LEU A 408 3.52 -49.59 41.18
C LEU A 408 5.02 -49.89 41.05
N LYS A 409 5.41 -50.47 39.91
CA LYS A 409 6.82 -50.77 39.62
C LYS A 409 7.68 -49.54 39.27
N LEU A 410 7.05 -48.39 39.01
CA LEU A 410 7.77 -47.13 38.79
C LEU A 410 8.50 -46.68 40.05
N LYS A 411 9.78 -46.31 39.91
CA LYS A 411 10.61 -45.93 41.05
C LYS A 411 10.27 -44.54 41.61
N HIS A 412 10.06 -43.55 40.74
CA HIS A 412 9.92 -42.15 41.14
C HIS A 412 8.46 -41.64 41.19
N PHE A 413 7.49 -42.53 41.02
CA PHE A 413 6.06 -42.18 41.13
C PHE A 413 5.70 -41.68 42.54
N HIS A 414 6.20 -42.39 43.56
CA HIS A 414 5.85 -42.10 44.95
C HIS A 414 6.60 -40.92 45.62
N PRO A 415 7.91 -40.75 45.37
CA PRO A 415 8.62 -39.58 45.92
C PRO A 415 8.00 -38.19 45.64
N LEU A 416 7.22 -38.07 44.57
CA LEU A 416 6.44 -36.86 44.28
C LEU A 416 5.34 -36.57 45.30
N PHE A 417 4.84 -37.60 46.00
CA PHE A 417 3.80 -37.43 47.02
C PHE A 417 4.26 -36.53 48.16
N GLU A 418 5.55 -36.59 48.50
CA GLU A 418 6.17 -35.69 49.47
C GLU A 418 5.70 -34.23 49.36
N TYR A 419 5.70 -33.70 48.14
CA TYR A 419 5.51 -32.27 47.89
C TYR A 419 4.05 -31.79 47.95
N PHE A 420 3.09 -32.72 47.97
CA PHE A 420 1.66 -32.37 48.08
C PHE A 420 1.28 -31.72 49.41
N ASP A 421 0.06 -31.18 49.45
CA ASP A 421 -0.63 -30.83 50.69
C ASP A 421 -0.99 -32.11 51.43
N TYR A 422 -1.19 -32.02 52.75
CA TYR A 422 -1.70 -33.16 53.53
C TYR A 422 -3.00 -33.71 52.95
N GLU A 423 -3.91 -32.81 52.58
CA GLU A 423 -5.21 -33.14 51.98
C GLU A 423 -5.11 -33.96 50.68
N SER A 424 -4.14 -33.63 49.83
CA SER A 424 -3.98 -34.27 48.51
C SER A 424 -3.22 -35.62 48.55
N ARG A 425 -2.30 -35.78 49.51
CA ARG A 425 -1.68 -37.10 49.80
C ARG A 425 -2.74 -38.15 50.13
N LYS A 426 -3.68 -37.75 50.99
CA LYS A 426 -4.83 -38.59 51.40
C LYS A 426 -5.71 -38.89 50.19
N SER A 427 -6.05 -37.85 49.43
CA SER A 427 -6.87 -37.95 48.22
C SER A 427 -6.25 -38.82 47.11
N MET A 428 -4.94 -38.65 46.90
CA MET A 428 -4.23 -39.34 45.81
C MET A 428 -3.91 -40.79 46.15
N SER A 429 -3.48 -41.04 47.39
CA SER A 429 -3.26 -42.41 47.88
C SER A 429 -4.54 -43.23 47.82
N CYS A 430 -5.64 -42.60 48.20
CA CYS A 430 -6.97 -43.21 48.11
C CYS A 430 -7.35 -43.54 46.65
N TYR A 431 -7.13 -42.58 45.75
CA TYR A 431 -7.43 -42.75 44.31
C TYR A 431 -6.63 -43.89 43.66
N VAL A 432 -5.36 -44.04 44.02
CA VAL A 432 -4.52 -45.12 43.51
C VAL A 432 -4.98 -46.46 44.10
N LEU A 433 -5.06 -46.52 45.43
CA LEU A 433 -5.46 -47.73 46.15
C LEU A 433 -6.88 -48.19 45.78
N SER A 434 -7.79 -47.23 45.60
CA SER A 434 -9.16 -47.50 45.15
C SER A 434 -9.20 -48.20 43.77
N ASN A 435 -8.33 -47.78 42.86
CA ASN A 435 -8.29 -48.34 41.52
C ASN A 435 -7.67 -49.76 41.48
N VAL A 436 -6.81 -50.07 42.46
CA VAL A 436 -6.23 -51.43 42.62
C VAL A 436 -7.25 -52.46 43.15
N LEU A 437 -8.34 -51.98 43.78
CA LEU A 437 -9.47 -52.82 44.20
C LEU A 437 -10.58 -52.87 43.15
N ASP A 438 -10.86 -51.71 42.53
CA ASP A 438 -11.84 -51.62 41.43
C ASP A 438 -11.53 -52.59 40.27
N TYR A 439 -10.25 -52.85 40.04
CA TYR A 439 -9.78 -53.92 39.14
C TYR A 439 -9.02 -54.94 40.00
N ASN A 440 -9.38 -56.21 39.87
CA ASN A 440 -8.90 -57.26 40.79
C ASN A 440 -7.38 -57.48 40.73
N THR A 441 -6.83 -57.92 41.86
CA THR A 441 -5.37 -58.03 42.03
C THR A 441 -4.86 -59.45 41.71
N GLU A 442 -3.73 -59.52 41.00
CA GLU A 442 -2.90 -60.72 40.92
C GLU A 442 -1.84 -60.61 42.01
N ILE A 443 -1.09 -61.68 42.25
CA ILE A 443 -0.02 -61.65 43.28
C ILE A 443 1.02 -60.58 42.93
N VAL A 444 1.41 -59.82 43.94
CA VAL A 444 2.29 -58.67 43.78
C VAL A 444 3.74 -59.13 43.96
N SER A 445 4.63 -58.62 43.10
CA SER A 445 6.06 -58.92 43.16
C SER A 445 6.76 -58.11 44.27
N GLN A 446 8.04 -58.39 44.51
CA GLN A 446 8.79 -57.82 45.64
C GLN A 446 8.85 -56.29 45.67
N ASP A 447 9.12 -55.69 44.51
CA ASP A 447 9.17 -54.22 44.35
C ASP A 447 7.81 -53.56 44.62
N GLN A 448 6.77 -54.13 44.04
CA GLN A 448 5.40 -53.57 44.09
C GLN A 448 4.67 -53.78 45.44
N VAL A 449 5.02 -54.83 46.19
CA VAL A 449 4.52 -55.04 47.56
C VAL A 449 4.92 -53.85 48.45
N ASP A 450 6.19 -53.45 48.30
CA ASP A 450 6.75 -52.27 48.98
C ASP A 450 5.99 -50.98 48.64
N SER A 451 5.69 -50.78 47.36
CA SER A 451 4.98 -49.57 46.88
C SER A 451 3.53 -49.45 47.40
N ILE A 452 2.84 -50.59 47.60
CA ILE A 452 1.46 -50.56 48.13
C ILE A 452 1.46 -50.13 49.59
N MET A 453 2.42 -50.62 50.36
CA MET A 453 2.57 -50.23 51.77
C MET A 453 2.88 -48.75 51.94
N ASN A 454 3.77 -48.24 51.09
CA ASN A 454 4.08 -46.80 51.07
C ASN A 454 2.86 -45.93 50.74
N LEU A 455 1.97 -46.42 49.86
CA LEU A 455 0.70 -45.74 49.56
C LEU A 455 -0.27 -45.71 50.74
N VAL A 456 -0.29 -46.78 51.54
CA VAL A 456 -1.11 -46.83 52.75
C VAL A 456 -0.52 -45.88 53.80
N SER A 457 0.81 -45.86 53.94
CA SER A 457 1.48 -44.99 54.92
C SER A 457 1.26 -43.49 54.67
N THR A 458 1.07 -43.11 53.40
CA THR A 458 0.70 -41.73 53.03
C THR A 458 -0.79 -41.46 53.26
N LEU A 459 -1.63 -42.48 53.06
CA LEU A 459 -3.09 -42.37 53.29
C LEU A 459 -3.46 -42.15 54.76
N ILE A 460 -2.90 -42.95 55.65
CA ILE A 460 -3.29 -42.92 57.08
C ILE A 460 -2.64 -41.77 57.88
N GLN A 461 -1.39 -41.44 57.58
CA GLN A 461 -0.66 -40.40 58.32
C GLN A 461 -0.75 -39.07 57.58
N PHE B 10 -29.50 37.12 -52.44
CA PHE B 10 -28.37 36.92 -53.39
C PHE B 10 -27.34 35.93 -52.84
N GLY B 11 -26.63 36.34 -51.78
CA GLY B 11 -25.51 35.57 -51.21
C GLY B 11 -24.17 35.97 -51.83
N PRO B 12 -23.23 35.02 -51.95
CA PRO B 12 -21.96 35.30 -52.63
C PRO B 12 -22.05 35.02 -54.13
N ILE B 13 -21.31 35.77 -54.95
CA ILE B 13 -21.25 35.53 -56.40
C ILE B 13 -20.47 34.28 -56.79
N CYS B 14 -19.49 33.93 -55.96
CA CYS B 14 -18.57 32.83 -56.23
C CYS B 14 -18.20 32.13 -54.94
N GLU B 15 -17.94 30.82 -55.01
CA GLU B 15 -17.45 30.05 -53.87
C GLU B 15 -16.15 29.34 -54.22
N ILE B 16 -15.19 29.41 -53.29
CA ILE B 16 -13.83 28.89 -53.50
C ILE B 16 -13.66 27.61 -52.70
N ASP B 17 -13.24 26.55 -53.36
CA ASP B 17 -12.98 25.27 -52.71
C ASP B 17 -11.64 24.76 -53.18
N ILE B 18 -10.84 24.28 -52.22
CA ILE B 18 -9.51 23.74 -52.50
C ILE B 18 -9.59 22.24 -52.31
N VAL B 19 -8.98 21.50 -53.22
CA VAL B 19 -8.99 20.04 -53.21
C VAL B 19 -7.58 19.58 -53.51
N LEU B 20 -6.95 18.88 -52.57
CA LEU B 20 -5.59 18.37 -52.75
C LEU B 20 -5.59 17.19 -53.72
N ASN B 21 -4.50 17.04 -54.47
CA ASN B 21 -4.37 15.93 -55.44
C ASN B 21 -4.35 14.55 -54.80
N ASP B 22 -3.88 14.45 -53.56
CA ASP B 22 -3.89 13.18 -52.81
C ASP B 22 -4.93 13.17 -51.68
N GLY B 23 -6.10 13.74 -51.94
CA GLY B 23 -7.16 13.87 -50.93
C GLY B 23 -7.88 12.60 -50.50
N GLU B 24 -7.62 11.48 -51.17
CA GLU B 24 -8.23 10.18 -50.81
C GLU B 24 -7.25 9.37 -49.97
N THR B 25 -6.02 9.23 -50.47
CA THR B 25 -4.99 8.42 -49.83
C THR B 25 -4.37 9.05 -48.58
N ARG B 26 -4.29 10.39 -48.53
CA ARG B 26 -3.55 11.12 -47.47
C ARG B 26 -4.22 11.03 -46.11
N LYS B 27 -3.38 10.88 -45.08
CA LYS B 27 -3.83 10.72 -43.72
C LYS B 27 -4.25 12.07 -43.13
N MSE B 28 -5.21 12.04 -42.21
CA MSE B 28 -5.68 13.23 -41.51
C MSE B 28 -5.30 13.15 -40.06
O MSE B 28 -4.82 12.12 -39.60
CB MSE B 28 -7.18 13.32 -41.66
CG MSE B 28 -7.56 13.58 -43.12
SE MSE B 28 -9.42 14.20 -43.22
CE MSE B 28 -9.17 16.15 -43.40
N ALA B 29 -5.52 14.24 -39.33
CA ALA B 29 -5.13 14.33 -37.91
C ALA B 29 -6.04 15.29 -37.16
N GLU B 30 -6.09 15.13 -35.84
CA GLU B 30 -7.02 15.88 -35.00
C GLU B 30 -6.29 16.91 -34.14
N MSE B 31 -6.98 18.03 -33.86
CA MSE B 31 -6.49 19.07 -32.95
C MSE B 31 -7.56 19.43 -31.95
O MSE B 31 -8.68 19.74 -32.34
CB MSE B 31 -6.20 20.38 -33.68
CG MSE B 31 -5.01 20.32 -34.62
SE MSE B 31 -3.35 21.02 -33.82
CE MSE B 31 -3.29 22.62 -34.98
N LYS B 32 -7.21 19.41 -30.66
CA LYS B 32 -8.10 19.94 -29.61
C LYS B 32 -8.02 21.47 -29.58
N THR B 33 -9.17 22.14 -29.79
CA THR B 33 -9.27 23.62 -29.71
C THR B 33 -10.02 24.02 -28.40
N GLU B 34 -10.59 25.23 -28.34
CA GLU B 34 -11.29 25.72 -27.13
C GLU B 34 -12.67 25.04 -26.89
N ASP B 35 -12.96 24.80 -25.61
CA ASP B 35 -14.21 24.15 -25.15
C ASP B 35 -14.45 22.74 -25.75
N GLY B 36 -13.39 21.94 -25.79
CA GLY B 36 -13.48 20.53 -26.19
C GLY B 36 -13.78 20.18 -27.65
N LYS B 37 -13.67 21.16 -28.56
CA LYS B 37 -13.91 20.93 -29.99
C LYS B 37 -12.70 20.25 -30.61
N VAL B 38 -12.96 19.37 -31.57
CA VAL B 38 -11.91 18.61 -32.25
C VAL B 38 -12.09 18.72 -33.76
N GLU B 39 -11.21 19.51 -34.39
CA GLU B 39 -11.13 19.62 -35.85
C GLU B 39 -10.31 18.47 -36.43
N LYS B 40 -10.51 18.20 -37.71
CA LYS B 40 -9.72 17.23 -38.44
C LYS B 40 -9.25 17.85 -39.76
N HIS B 41 -7.94 17.79 -40.01
CA HIS B 41 -7.34 18.36 -41.22
C HIS B 41 -6.26 17.43 -41.76
N TYR B 42 -5.96 17.57 -43.04
CA TYR B 42 -4.92 16.77 -43.70
C TYR B 42 -3.58 16.97 -43.01
N LEU B 43 -2.79 15.89 -42.91
CA LEU B 43 -1.52 15.90 -42.20
C LEU B 43 -0.37 15.99 -43.18
N PHE B 44 0.61 16.84 -42.87
CA PHE B 44 1.79 17.07 -43.70
C PHE B 44 3.05 17.05 -42.85
N TYR B 45 4.19 16.93 -43.52
CA TYR B 45 5.50 16.90 -42.89
C TYR B 45 6.45 17.79 -43.64
N ASP B 46 7.50 18.21 -42.94
CA ASP B 46 8.57 19.00 -43.52
C ASP B 46 9.09 18.32 -44.81
N GLY B 47 9.17 19.09 -45.89
CA GLY B 47 9.72 18.61 -47.16
C GLY B 47 8.69 18.18 -48.20
N GLU B 48 7.51 17.73 -47.78
CA GLU B 48 6.44 17.34 -48.72
C GLU B 48 5.95 18.49 -49.59
N SER B 49 5.56 18.14 -50.82
CA SER B 49 4.99 19.10 -51.75
C SER B 49 3.50 19.21 -51.48
N VAL B 50 2.96 20.42 -51.64
CA VAL B 50 1.55 20.68 -51.47
C VAL B 50 1.03 21.05 -52.85
N SER B 51 0.13 20.22 -53.39
CA SER B 51 -0.45 20.49 -54.70
C SER B 51 -1.90 20.07 -54.77
N GLY B 52 -2.65 20.71 -55.66
CA GLY B 52 -4.08 20.43 -55.78
C GLY B 52 -4.77 21.27 -56.81
N LYS B 53 -6.02 21.62 -56.52
CA LYS B 53 -6.80 22.45 -57.41
C LYS B 53 -7.60 23.48 -56.63
N VAL B 54 -7.68 24.69 -57.17
CA VAL B 54 -8.63 25.69 -56.70
C VAL B 54 -9.85 25.59 -57.61
N ASN B 55 -11.02 25.33 -57.04
CA ASN B 55 -12.27 25.26 -57.82
C ASN B 55 -13.21 26.40 -57.48
N LEU B 56 -13.48 27.25 -58.47
CA LEU B 56 -14.41 28.34 -58.31
C LEU B 56 -15.78 27.91 -58.85
N ALA B 57 -16.72 27.67 -57.95
CA ALA B 57 -18.12 27.43 -58.33
C ALA B 57 -18.83 28.78 -58.50
N PHE B 58 -19.27 29.06 -59.73
CA PHE B 58 -20.01 30.28 -60.02
C PHE B 58 -21.47 30.08 -59.60
N LYS B 59 -22.00 31.02 -58.83
CA LYS B 59 -23.33 30.84 -58.21
C LYS B 59 -24.46 31.67 -58.85
N GLN B 60 -24.17 32.88 -59.32
CA GLN B 60 -25.19 33.76 -59.93
C GLN B 60 -25.07 33.78 -61.46
N PRO B 61 -25.63 32.78 -62.17
CA PRO B 61 -25.48 32.76 -63.63
C PRO B 61 -26.18 33.93 -64.31
N GLY B 62 -25.53 34.51 -65.33
CA GLY B 62 -25.92 35.79 -65.93
C GLY B 62 -24.98 36.92 -65.51
N LYS B 63 -24.62 36.95 -64.23
CA LYS B 63 -23.71 37.97 -63.68
C LYS B 63 -22.24 37.68 -64.00
N ARG B 64 -21.39 38.67 -63.74
CA ARG B 64 -19.97 38.60 -64.02
C ARG B 64 -19.14 39.14 -62.85
N LEU B 65 -17.93 38.60 -62.71
CA LEU B 65 -17.01 38.91 -61.61
C LEU B 65 -15.74 39.52 -62.16
N GLU B 66 -15.65 40.84 -62.06
CA GLU B 66 -14.46 41.58 -62.46
C GLU B 66 -13.45 41.50 -61.31
N HIS B 67 -12.24 41.00 -61.59
CA HIS B 67 -11.17 40.90 -60.60
C HIS B 67 -9.86 41.47 -61.15
N GLN B 68 -8.90 41.75 -60.26
CA GLN B 68 -7.57 42.24 -60.63
C GLN B 68 -6.47 41.24 -60.29
N GLY B 69 -6.85 39.97 -60.14
CA GLY B 69 -5.93 38.84 -60.11
C GLY B 69 -6.42 37.76 -59.17
N ILE B 70 -5.92 36.54 -59.36
CA ILE B 70 -6.21 35.42 -58.47
C ILE B 70 -4.90 34.76 -58.09
N ARG B 71 -4.68 34.55 -56.80
CA ARG B 71 -3.48 33.89 -56.29
C ARG B 71 -3.84 32.87 -55.23
N ILE B 72 -2.93 31.93 -55.02
CA ILE B 72 -2.99 31.01 -53.87
C ILE B 72 -1.69 31.15 -53.06
N GLU B 73 -1.80 31.11 -51.74
CA GLU B 73 -0.67 31.29 -50.84
C GLU B 73 -0.62 30.12 -49.90
N PHE B 74 0.57 29.59 -49.65
CA PHE B 74 0.76 28.62 -48.57
C PHE B 74 1.37 29.40 -47.41
N VAL B 75 0.75 29.31 -46.25
CA VAL B 75 1.14 30.12 -45.10
C VAL B 75 1.33 29.27 -43.86
N GLY B 76 2.42 29.51 -43.15
CA GLY B 76 2.62 29.02 -41.79
C GLY B 76 2.92 30.23 -40.93
N GLN B 77 2.16 30.39 -39.85
CA GLN B 77 2.27 31.58 -38.99
C GLN B 77 2.05 31.30 -37.52
N ILE B 78 2.53 32.20 -36.67
CA ILE B 78 2.35 32.12 -35.21
C ILE B 78 1.48 33.29 -34.75
N GLU B 79 0.40 32.98 -34.04
CA GLU B 79 -0.55 33.97 -33.51
C GLU B 79 -0.44 34.06 -31.98
N LEU B 80 -0.15 35.25 -31.46
CA LEU B 80 -0.02 35.49 -30.02
C LEU B 80 -1.16 36.36 -29.42
N PHE B 81 -1.65 35.92 -28.25
CA PHE B 81 -2.63 36.65 -27.43
C PHE B 81 -3.93 37.07 -28.13
N ASN B 82 -4.33 36.32 -29.15
CA ASN B 82 -5.58 36.57 -29.87
C ASN B 82 -5.63 37.93 -30.59
N ASP B 83 -4.47 38.42 -31.03
CA ASP B 83 -4.29 39.78 -31.55
C ASP B 83 -3.71 39.70 -32.97
N LYS B 84 -4.52 40.04 -33.97
CA LYS B 84 -4.08 40.02 -35.37
C LYS B 84 -2.77 40.80 -35.67
N SER B 85 -2.53 41.88 -34.92
CA SER B 85 -1.33 42.69 -35.11
C SER B 85 -0.04 42.02 -34.64
N ASN B 86 -0.14 40.92 -33.89
CA ASN B 86 1.02 40.12 -33.47
C ASN B 86 1.31 38.88 -34.30
N THR B 87 0.51 38.63 -35.34
CA THR B 87 0.71 37.47 -36.20
C THR B 87 2.02 37.59 -37.00
N HIS B 88 2.87 36.57 -36.93
CA HIS B 88 4.11 36.52 -37.72
C HIS B 88 4.09 35.31 -38.64
N GLU B 89 4.24 35.56 -39.94
CA GLU B 89 4.40 34.49 -40.92
C GLU B 89 5.88 34.12 -40.97
N PHE B 90 6.16 32.85 -40.69
CA PHE B 90 7.50 32.26 -40.83
C PHE B 90 7.65 31.53 -42.18
N VAL B 91 6.55 31.25 -42.87
CA VAL B 91 6.57 30.65 -44.20
C VAL B 91 5.50 31.31 -45.08
N ASN B 92 5.91 31.82 -46.24
CA ASN B 92 4.97 32.36 -47.23
C ASN B 92 5.42 32.06 -48.66
N LEU B 93 4.59 31.31 -49.40
CA LEU B 93 4.82 31.01 -50.82
C LEU B 93 3.60 31.45 -51.62
N VAL B 94 3.81 31.99 -52.82
CA VAL B 94 2.72 32.50 -53.66
C VAL B 94 2.73 31.84 -55.02
N LYS B 95 1.56 31.45 -55.50
CA LYS B 95 1.38 31.13 -56.91
C LYS B 95 0.30 32.01 -57.44
N GLU B 96 0.64 32.76 -58.49
CA GLU B 96 -0.35 33.52 -59.23
C GLU B 96 -1.07 32.52 -60.11
N LEU B 97 -2.41 32.53 -60.05
CA LEU B 97 -3.26 31.63 -60.84
C LEU B 97 -3.92 32.32 -62.04
N ALA B 98 -4.19 33.62 -61.95
CA ALA B 98 -4.83 34.37 -63.05
C ALA B 98 -4.49 35.85 -63.04
N LEU B 99 -4.28 36.41 -64.24
CA LEU B 99 -4.09 37.87 -64.42
C LEU B 99 -5.43 38.58 -64.28
N PRO B 100 -5.43 39.92 -64.08
CA PRO B 100 -6.70 40.66 -64.09
C PRO B 100 -7.62 40.23 -65.23
N GLY B 101 -8.90 40.04 -64.94
CA GLY B 101 -9.86 39.59 -65.94
C GLY B 101 -11.29 39.56 -65.44
N GLU B 102 -12.09 38.71 -66.08
CA GLU B 102 -13.47 38.43 -65.67
C GLU B 102 -13.69 36.93 -65.48
N LEU B 103 -14.72 36.58 -64.71
CA LEU B 103 -15.23 35.23 -64.63
C LEU B 103 -16.73 35.26 -64.84
N THR B 104 -17.20 34.46 -65.79
CA THR B 104 -18.63 34.32 -66.08
C THR B 104 -19.19 32.92 -65.75
N GLN B 105 -18.31 31.91 -65.70
CA GLN B 105 -18.69 30.56 -65.32
C GLN B 105 -17.67 29.96 -64.34
N SER B 106 -17.96 28.74 -63.89
CA SER B 106 -17.06 28.01 -63.01
C SER B 106 -15.75 27.69 -63.73
N ARG B 107 -14.67 27.71 -62.95
CA ARG B 107 -13.32 27.43 -63.47
C ARG B 107 -12.47 26.83 -62.37
N SER B 108 -11.51 25.99 -62.75
CA SER B 108 -10.54 25.43 -61.83
C SER B 108 -9.10 25.75 -62.25
N TYR B 109 -8.21 25.86 -61.27
CA TYR B 109 -6.79 26.11 -61.49
C TYR B 109 -5.96 25.08 -60.73
N ASP B 110 -4.89 24.59 -61.37
CA ASP B 110 -3.88 23.76 -60.73
C ASP B 110 -2.90 24.63 -59.95
N PHE B 111 -2.39 24.08 -58.84
CA PHE B 111 -1.25 24.67 -58.12
C PHE B 111 -0.32 23.58 -57.60
N GLU B 112 0.95 23.92 -57.45
CA GLU B 112 1.93 23.05 -56.82
C GLU B 112 3.01 23.85 -56.10
N PHE B 113 3.15 23.63 -54.79
CA PHE B 113 4.27 24.16 -54.03
C PHE B 113 5.31 23.06 -53.87
N MSE B 114 6.48 23.25 -54.49
CA MSE B 114 7.54 22.24 -54.53
C MSE B 114 8.27 22.12 -53.23
O MSE B 114 8.80 23.12 -52.73
CB MSE B 114 8.58 22.62 -55.59
CG MSE B 114 8.07 22.47 -57.02
SE MSE B 114 7.86 20.55 -57.42
CE MSE B 114 9.76 20.09 -57.72
N GLN B 115 8.31 20.91 -52.68
CA GLN B 115 9.14 20.58 -51.51
C GLN B 115 9.13 21.66 -50.42
N VAL B 116 7.99 21.77 -49.76
CA VAL B 116 7.69 22.91 -48.90
C VAL B 116 8.33 22.75 -47.52
N GLU B 117 9.06 23.77 -47.09
CA GLU B 117 9.60 23.81 -45.73
C GLU B 117 8.50 24.15 -44.74
N LYS B 118 8.43 23.35 -43.68
CA LYS B 118 7.47 23.50 -42.59
C LYS B 118 8.25 23.15 -41.32
N PRO B 119 9.00 24.13 -40.77
CA PRO B 119 9.94 23.83 -39.69
C PRO B 119 9.34 23.51 -38.33
N TYR B 120 8.07 23.87 -38.10
CA TYR B 120 7.46 23.71 -36.77
C TYR B 120 6.18 22.89 -36.81
N GLU B 121 5.87 22.26 -35.67
CA GLU B 121 4.66 21.47 -35.54
C GLU B 121 3.50 22.41 -35.20
N SER B 122 2.32 22.12 -35.76
CA SER B 122 1.12 22.87 -35.44
C SER B 122 0.83 22.79 -33.96
N TYR B 123 0.27 23.85 -33.39
CA TYR B 123 -0.08 23.90 -31.97
C TYR B 123 -1.19 24.90 -31.71
N ILE B 124 -2.11 24.52 -30.83
CA ILE B 124 -3.19 25.40 -30.38
C ILE B 124 -3.14 25.40 -28.87
N GLY B 125 -2.66 26.50 -28.31
CA GLY B 125 -2.52 26.66 -26.87
C GLY B 125 -3.50 27.68 -26.29
N ALA B 126 -2.98 28.46 -25.33
CA ALA B 126 -3.77 29.40 -24.55
C ALA B 126 -3.48 30.81 -25.02
N ASN B 127 -2.21 31.19 -24.99
CA ASN B 127 -1.76 32.47 -25.52
C ASN B 127 -1.10 32.35 -26.91
N VAL B 128 -1.02 31.14 -27.47
CA VAL B 128 -0.27 30.89 -28.71
C VAL B 128 -1.04 29.97 -29.65
N ARG B 129 -0.94 30.25 -30.95
CA ARG B 129 -1.33 29.30 -32.00
C ARG B 129 -0.27 29.30 -33.08
N LEU B 130 0.06 28.10 -33.56
CA LEU B 130 0.90 27.94 -34.73
C LEU B 130 0.07 27.15 -35.72
N ARG B 131 -0.24 27.76 -36.87
CA ARG B 131 -1.01 27.05 -37.87
C ARG B 131 -0.56 27.28 -39.30
N TYR B 132 -0.77 26.26 -40.12
CA TYR B 132 -0.52 26.32 -41.54
C TYR B 132 -1.85 26.28 -42.27
N PHE B 133 -1.91 26.92 -43.43
CA PHE B 133 -3.08 26.88 -44.28
C PHE B 133 -2.76 27.38 -45.68
N LEU B 134 -3.55 26.94 -46.65
CA LEU B 134 -3.57 27.52 -47.98
C LEU B 134 -4.61 28.65 -47.98
N LYS B 135 -4.26 29.80 -48.56
CA LYS B 135 -5.17 30.94 -48.67
C LYS B 135 -5.34 31.34 -50.13
N VAL B 136 -6.56 31.22 -50.66
CA VAL B 136 -6.87 31.70 -52.01
C VAL B 136 -7.47 33.09 -51.92
N THR B 137 -7.02 33.99 -52.80
CA THR B 137 -7.49 35.36 -52.85
C THR B 137 -7.87 35.78 -54.26
N ILE B 138 -9.13 36.18 -54.46
CA ILE B 138 -9.57 36.81 -55.70
C ILE B 138 -9.62 38.30 -55.41
N VAL B 139 -8.78 39.07 -56.11
CA VAL B 139 -8.62 40.48 -55.80
C VAL B 139 -9.68 41.25 -56.57
N ARG B 140 -10.52 41.97 -55.83
CA ARG B 140 -11.54 42.85 -56.41
C ARG B 140 -11.24 44.30 -56.02
N ARG B 141 -12.04 45.24 -56.51
CA ARG B 141 -11.74 46.66 -56.42
C ARG B 141 -11.79 47.25 -54.99
N LEU B 142 -12.76 46.84 -54.19
CA LEU B 142 -12.85 47.27 -52.77
C LEU B 142 -12.77 46.15 -51.71
N THR B 143 -13.30 44.96 -52.01
CA THR B 143 -13.30 43.84 -51.06
C THR B 143 -12.87 42.55 -51.72
N ASP B 144 -11.77 41.96 -51.25
CA ASP B 144 -11.28 40.68 -51.77
C ASP B 144 -12.12 39.50 -51.28
N LEU B 145 -12.33 38.52 -52.16
CA LEU B 145 -12.86 37.21 -51.77
C LEU B 145 -11.71 36.31 -51.37
N VAL B 146 -11.80 35.75 -50.18
CA VAL B 146 -10.69 35.05 -49.53
C VAL B 146 -11.16 33.71 -48.95
N LYS B 147 -10.42 32.65 -49.17
CA LYS B 147 -10.75 31.32 -48.64
C LYS B 147 -9.52 30.67 -48.04
N GLU B 148 -9.60 30.31 -46.75
CA GLU B 148 -8.51 29.60 -46.06
C GLU B 148 -8.82 28.12 -45.99
N TYR B 149 -7.77 27.29 -45.99
CA TYR B 149 -7.88 25.84 -45.99
C TYR B 149 -6.79 25.29 -45.06
N ASP B 150 -7.20 24.84 -43.88
CA ASP B 150 -6.24 24.50 -42.82
C ASP B 150 -5.56 23.15 -42.99
N LEU B 151 -4.34 23.06 -42.48
CA LEU B 151 -3.54 21.84 -42.56
C LEU B 151 -2.86 21.60 -41.22
N ILE B 152 -2.78 20.34 -40.78
CA ILE B 152 -1.90 19.97 -39.67
C ILE B 152 -0.52 19.65 -40.19
N VAL B 153 0.50 20.07 -39.45
CA VAL B 153 1.86 19.62 -39.68
C VAL B 153 2.37 19.00 -38.36
N HIS B 154 2.88 17.78 -38.43
CA HIS B 154 3.61 17.16 -37.31
C HIS B 154 5.11 17.13 -37.61
N GLN B 155 5.93 17.27 -36.56
CA GLN B 155 7.41 17.19 -36.67
C GLN B 155 7.86 15.90 -35.97
N LEU B 156 8.74 15.15 -36.65
CA LEU B 156 9.12 13.82 -36.20
C LEU B 156 10.55 13.79 -35.69
N ALA B 157 10.84 12.72 -34.96
CA ALA B 157 12.18 12.48 -34.46
C ALA B 157 12.42 10.99 -34.30
N THR B 158 13.70 10.64 -34.16
CA THR B 158 14.13 9.28 -33.94
C THR B 158 14.62 9.14 -32.50
N TYR B 159 14.98 7.93 -32.11
CA TYR B 159 15.46 7.67 -30.76
C TYR B 159 16.70 8.52 -30.48
N PRO B 160 16.73 9.23 -29.33
CA PRO B 160 17.87 10.08 -29.02
C PRO B 160 19.20 9.33 -28.85
N ASP B 161 20.29 9.99 -29.22
CA ASP B 161 21.66 9.50 -28.98
C ASP B 161 21.88 9.16 -27.52
N VAL B 162 21.54 10.10 -26.65
CA VAL B 162 21.65 9.94 -25.20
C VAL B 162 20.28 10.06 -24.55
N ASN B 163 19.95 9.08 -23.70
CA ASN B 163 18.75 9.16 -22.86
C ASN B 163 19.09 8.68 -21.44
N ASN B 164 19.48 9.63 -20.59
CA ASN B 164 19.88 9.31 -19.22
C ASN B 164 18.70 9.19 -18.30
N SER B 165 18.71 8.18 -17.45
CA SER B 165 17.71 8.07 -16.40
C SER B 165 17.87 9.28 -15.47
N ILE B 166 16.75 9.80 -14.97
CA ILE B 166 16.77 10.84 -13.96
C ILE B 166 16.80 10.12 -12.60
N LYS B 167 17.79 10.46 -11.77
CA LYS B 167 18.01 9.81 -10.48
C LYS B 167 18.53 10.85 -9.51
N MSE B 168 17.92 10.94 -8.32
CA MSE B 168 18.24 12.02 -7.40
C MSE B 168 17.82 11.77 -5.98
O MSE B 168 16.82 11.14 -5.72
CB MSE B 168 17.51 13.27 -7.91
CG MSE B 168 18.49 14.30 -8.45
SE MSE B 168 17.61 16.05 -8.44
CE MSE B 168 17.92 16.45 -6.55
N GLU B 169 18.60 12.32 -5.05
CA GLU B 169 18.31 12.25 -3.65
C GLU B 169 17.84 13.64 -3.17
N VAL B 170 16.62 13.72 -2.64
CA VAL B 170 16.05 14.99 -2.15
C VAL B 170 15.50 14.83 -0.75
N GLY B 171 15.23 15.94 -0.07
CA GLY B 171 14.57 15.87 1.24
C GLY B 171 14.20 17.16 1.93
N ILE B 172 13.53 17.00 3.07
CA ILE B 172 13.41 18.03 4.08
C ILE B 172 14.32 17.55 5.20
N GLU B 173 15.39 18.27 5.50
CA GLU B 173 16.45 17.79 6.40
C GLU B 173 15.95 17.32 7.77
N ASP B 174 16.39 16.12 8.15
CA ASP B 174 15.96 15.38 9.35
C ASP B 174 14.46 15.11 9.49
N CYS B 175 13.72 15.14 8.38
CA CYS B 175 12.29 14.83 8.36
C CYS B 175 11.97 13.76 7.33
N LEU B 176 12.34 14.02 6.09
CA LEU B 176 12.06 13.11 4.99
C LEU B 176 13.24 13.12 4.05
N HIS B 177 13.85 11.95 3.84
CA HIS B 177 14.86 11.76 2.78
C HIS B 177 14.37 10.71 1.82
N ILE B 178 14.39 11.01 0.52
CA ILE B 178 14.03 10.05 -0.51
C ILE B 178 15.00 10.05 -1.69
N GLU B 179 15.04 8.93 -2.40
CA GLU B 179 15.67 8.84 -3.69
C GLU B 179 14.57 8.42 -4.67
N PHE B 180 14.35 9.21 -5.70
CA PHE B 180 13.45 8.84 -6.78
C PHE B 180 14.25 8.58 -8.05
N GLU B 181 13.66 7.84 -8.97
CA GLU B 181 14.30 7.53 -10.23
C GLU B 181 13.24 7.31 -11.29
N TYR B 182 13.40 7.98 -12.44
CA TYR B 182 12.60 7.75 -13.64
C TYR B 182 13.56 7.20 -14.68
N ASN B 183 13.08 6.26 -15.48
CA ASN B 183 13.92 5.48 -16.37
C ASN B 183 14.52 6.22 -17.56
N LYS B 184 13.94 7.36 -17.91
CA LYS B 184 14.47 8.19 -19.00
C LYS B 184 14.34 9.68 -18.70
N SER B 185 15.05 10.47 -19.50
CA SER B 185 14.86 11.93 -19.62
C SER B 185 13.91 12.29 -20.75
N LYS B 186 13.74 11.40 -21.72
CA LYS B 186 13.05 11.70 -22.99
C LYS B 186 12.07 10.60 -23.38
N TYR B 187 10.79 10.90 -23.25
CA TYR B 187 9.73 9.96 -23.50
C TYR B 187 9.00 10.33 -24.78
N HIS B 188 8.70 9.34 -25.60
CA HIS B 188 7.84 9.59 -26.77
C HIS B 188 6.38 9.65 -26.33
N LEU B 189 5.50 10.11 -27.21
CA LEU B 189 4.12 10.45 -26.78
C LEU B 189 3.33 9.27 -26.23
N LYS B 190 3.61 8.08 -26.71
CA LYS B 190 2.96 6.85 -26.23
C LYS B 190 3.88 5.96 -25.36
N ASP B 191 4.83 6.59 -24.67
CA ASP B 191 5.84 5.92 -23.83
C ASP B 191 5.29 5.70 -22.40
N VAL B 192 6.15 5.21 -21.51
CA VAL B 192 5.77 4.80 -20.16
C VAL B 192 6.83 5.28 -19.17
N ILE B 193 6.42 6.01 -18.14
CA ILE B 193 7.33 6.37 -17.03
C ILE B 193 7.46 5.14 -16.14
N VAL B 194 8.60 4.46 -16.20
CA VAL B 194 8.92 3.39 -15.26
C VAL B 194 9.87 4.01 -14.25
N GLY B 195 9.54 3.94 -12.97
CA GLY B 195 10.39 4.54 -11.95
C GLY B 195 10.31 3.84 -10.63
N LYS B 196 11.04 4.38 -9.64
CA LYS B 196 10.82 4.01 -8.26
C LYS B 196 11.11 5.14 -7.28
N ILE B 197 10.37 5.14 -6.16
CA ILE B 197 10.67 5.98 -5.01
C ILE B 197 11.27 5.08 -3.92
N TYR B 198 12.34 5.54 -3.28
CA TYR B 198 13.02 4.79 -2.24
C TYR B 198 13.17 5.68 -1.01
N PHE B 199 12.74 5.16 0.14
CA PHE B 199 12.66 5.95 1.37
C PHE B 199 13.86 5.74 2.30
N LEU B 200 14.65 6.78 2.54
CA LEU B 200 15.87 6.69 3.37
C LEU B 200 15.64 7.10 4.82
N LEU B 201 14.78 8.09 5.03
CA LEU B 201 14.40 8.57 6.37
C LEU B 201 12.95 9.09 6.34
N VAL B 202 12.11 8.66 7.29
CA VAL B 202 10.70 9.06 7.33
C VAL B 202 10.27 9.40 8.76
N ARG B 203 10.28 10.70 9.07
CA ARG B 203 9.83 11.22 10.37
C ARG B 203 8.53 12.00 10.24
N ILE B 204 7.82 11.83 9.14
CA ILE B 204 6.49 12.40 8.98
C ILE B 204 5.48 11.29 8.72
N LYS B 205 4.22 11.65 8.84
CA LYS B 205 3.11 10.70 8.68
C LYS B 205 2.47 10.96 7.31
N ILE B 206 2.87 10.16 6.32
CA ILE B 206 2.47 10.38 4.95
C ILE B 206 1.09 9.76 4.72
N GLN B 207 0.17 10.53 4.16
CA GLN B 207 -1.16 10.04 3.83
C GLN B 207 -1.11 9.37 2.45
N HIS B 208 -0.70 10.12 1.43
CA HIS B 208 -0.55 9.57 0.08
C HIS B 208 0.55 10.29 -0.71
N MSE B 209 0.99 9.64 -1.80
CA MSE B 209 1.96 10.19 -2.74
C MSE B 209 1.41 10.04 -4.12
O MSE B 209 0.74 9.06 -4.44
CB MSE B 209 3.28 9.45 -2.64
CG MSE B 209 4.37 9.95 -3.59
SE MSE B 209 6.17 9.30 -3.07
CE MSE B 209 5.93 7.34 -3.16
N GLU B 210 1.70 11.02 -4.96
CA GLU B 210 1.25 11.01 -6.35
C GLU B 210 2.31 11.59 -7.27
N LEU B 211 2.23 11.19 -8.53
CA LEU B 211 3.05 11.74 -9.60
C LEU B 211 2.15 12.60 -10.47
N GLN B 212 2.55 13.83 -10.75
CA GLN B 212 1.78 14.73 -11.62
C GLN B 212 2.51 15.04 -12.91
N LEU B 213 1.78 15.08 -14.03
CA LEU B 213 2.35 15.59 -15.28
C LEU B 213 1.88 17.04 -15.48
N ILE B 214 2.83 17.98 -15.53
CA ILE B 214 2.53 19.40 -15.63
C ILE B 214 3.03 20.00 -16.95
N LYS B 215 2.11 20.64 -17.68
CA LYS B 215 2.40 21.32 -18.96
C LYS B 215 2.56 22.82 -18.74
N LYS B 216 3.64 23.40 -19.24
CA LYS B 216 3.90 24.82 -19.12
C LYS B 216 4.04 25.43 -20.51
N GLU B 217 3.22 26.44 -20.80
CA GLU B 217 3.33 27.23 -22.03
C GLU B 217 3.93 28.59 -21.69
N ILE B 218 5.12 28.87 -22.19
CA ILE B 218 5.78 30.15 -21.95
C ILE B 218 5.77 30.99 -23.23
N THR B 219 5.19 32.20 -23.16
CA THR B 219 5.06 33.10 -24.31
C THR B 219 5.84 34.40 -24.07
N GLY B 220 6.39 34.98 -25.15
CA GLY B 220 6.99 36.31 -25.13
C GLY B 220 8.51 36.28 -25.07
N ILE B 221 9.14 37.47 -24.99
CA ILE B 221 10.62 37.65 -25.06
C ILE B 221 11.19 38.44 -23.86
N GLY B 222 12.16 37.85 -23.16
CA GLY B 222 12.86 38.52 -22.06
C GLY B 222 12.01 38.67 -20.80
N PRO B 223 11.96 39.87 -20.19
CA PRO B 223 11.01 40.14 -19.09
C PRO B 223 9.53 40.03 -19.51
N SER B 224 9.22 40.32 -20.77
CA SER B 224 7.92 39.96 -21.36
C SER B 224 7.81 38.42 -21.44
N THR B 225 7.34 37.81 -20.35
CA THR B 225 7.16 36.36 -20.26
C THR B 225 5.84 36.10 -19.55
N THR B 226 4.93 35.39 -20.20
CA THR B 226 3.73 34.89 -19.56
C THR B 226 3.81 33.37 -19.53
N THR B 227 3.49 32.77 -18.39
CA THR B 227 3.53 31.33 -18.24
C THR B 227 2.13 30.86 -17.92
N GLU B 228 1.60 29.97 -18.74
CA GLU B 228 0.35 29.29 -18.46
C GLU B 228 0.66 27.87 -18.00
N THR B 229 0.14 27.47 -16.84
CA THR B 229 0.36 26.15 -16.27
C THR B 229 -0.94 25.34 -16.24
N GLU B 230 -0.84 24.06 -16.59
CA GLU B 230 -1.98 23.16 -16.60
C GLU B 230 -1.48 21.83 -16.04
N THR B 231 -2.31 21.16 -15.25
CA THR B 231 -1.96 19.89 -14.64
C THR B 231 -2.73 18.78 -15.35
N ILE B 232 -2.02 18.08 -16.23
CA ILE B 232 -2.56 17.08 -17.14
C ILE B 232 -2.84 15.73 -16.46
N ALA B 233 -2.09 15.38 -15.42
CA ALA B 233 -2.29 14.11 -14.74
C ALA B 233 -2.01 14.18 -13.23
N LYS B 234 -2.84 13.51 -12.43
CA LYS B 234 -2.63 13.31 -11.00
C LYS B 234 -2.73 11.82 -10.70
N TYR B 235 -1.59 11.15 -10.68
CA TYR B 235 -1.53 9.70 -10.63
C TYR B 235 -1.02 9.25 -9.27
N GLU B 236 -1.91 8.84 -8.38
CA GLU B 236 -1.52 8.30 -7.08
C GLU B 236 -0.58 7.11 -7.27
N ILE B 237 0.55 7.11 -6.56
CA ILE B 237 1.50 5.99 -6.60
C ILE B 237 1.74 5.32 -5.23
N MSE B 238 1.31 5.94 -4.14
CA MSE B 238 1.33 5.31 -2.83
C MSE B 238 0.17 5.73 -1.97
O MSE B 238 -0.19 6.91 -1.91
CB MSE B 238 2.61 5.68 -2.08
CG MSE B 238 2.87 4.80 -0.86
SE MSE B 238 4.52 5.42 0.03
CE MSE B 238 3.96 7.27 0.47
N ASP B 239 -0.41 4.76 -1.28
CA ASP B 239 -1.44 4.99 -0.29
C ASP B 239 -0.93 4.50 1.06
N GLY B 240 -0.65 5.44 1.95
CA GLY B 240 -0.26 5.11 3.33
C GLY B 240 1.13 5.56 3.73
N ALA B 241 1.54 5.21 4.96
CA ALA B 241 2.83 5.60 5.54
C ALA B 241 3.94 4.53 5.41
N PRO B 242 4.91 4.74 4.50
CA PRO B 242 6.07 3.85 4.47
C PRO B 242 7.02 4.09 5.64
N VAL B 243 8.02 3.20 5.76
CA VAL B 243 9.12 3.37 6.69
C VAL B 243 10.39 3.35 5.83
N LYS B 244 11.55 3.50 6.46
CA LYS B 244 12.81 3.51 5.72
C LYS B 244 13.07 2.15 5.08
N GLY B 245 13.72 2.17 3.93
CA GLY B 245 14.02 0.98 3.15
C GLY B 245 12.85 0.45 2.34
N GLU B 246 11.82 1.26 2.14
CA GLU B 246 10.64 0.87 1.39
C GLU B 246 10.77 1.42 -0.02
N SER B 247 10.48 0.58 -1.01
CA SER B 247 10.52 0.97 -2.42
C SER B 247 9.12 0.98 -2.97
N ILE B 248 8.80 1.96 -3.80
CA ILE B 248 7.47 2.13 -4.36
C ILE B 248 7.59 2.18 -5.88
N PRO B 249 6.97 1.25 -6.62
CA PRO B 249 7.14 1.24 -8.07
C PRO B 249 6.19 2.19 -8.80
N ILE B 250 6.71 2.84 -9.83
CA ILE B 250 5.96 3.74 -10.67
C ILE B 250 5.83 3.09 -12.05
N ARG B 251 4.60 3.05 -12.58
CA ARG B 251 4.36 2.74 -13.99
C ARG B 251 3.22 3.60 -14.52
N LEU B 252 3.58 4.76 -15.07
CA LEU B 252 2.63 5.72 -15.63
C LEU B 252 2.65 5.68 -17.17
N PHE B 253 1.53 5.28 -17.77
CA PHE B 253 1.38 5.27 -19.23
C PHE B 253 0.95 6.64 -19.74
N LEU B 254 1.76 7.19 -20.63
CA LEU B 254 1.50 8.51 -21.21
C LEU B 254 0.36 8.52 -22.24
N ALA B 255 0.10 7.39 -22.90
CA ALA B 255 -0.99 7.27 -23.89
C ALA B 255 -2.33 7.74 -23.36
N GLY B 256 -2.59 7.50 -22.08
CA GLY B 256 -3.80 7.97 -21.42
C GLY B 256 -4.01 9.47 -21.21
N TYR B 257 -3.11 10.33 -21.68
CA TYR B 257 -3.25 11.79 -21.49
C TYR B 257 -3.07 12.64 -22.75
N ASP B 258 -2.79 12.02 -23.88
CA ASP B 258 -2.60 12.73 -25.15
C ASP B 258 -1.91 14.12 -25.08
N PRO B 259 -0.65 14.17 -24.60
CA PRO B 259 0.09 15.43 -24.56
C PRO B 259 0.72 15.78 -25.91
N THR B 260 1.14 17.04 -26.05
CA THR B 260 1.84 17.49 -27.26
C THR B 260 3.34 17.29 -27.02
N PRO B 261 4.16 17.32 -28.08
CA PRO B 261 5.59 17.29 -27.85
C PRO B 261 6.13 18.56 -27.18
N THR B 262 7.29 18.43 -26.55
CA THR B 262 8.08 19.58 -26.10
C THR B 262 8.46 20.44 -27.29
N MSE B 263 8.34 21.76 -27.12
CA MSE B 263 8.61 22.75 -28.17
C MSE B 263 9.43 23.83 -27.53
O MSE B 263 8.94 24.50 -26.64
CB MSE B 263 7.28 23.31 -28.65
CG MSE B 263 6.57 22.25 -29.50
SE MSE B 263 4.72 22.72 -29.96
CE MSE B 263 3.92 23.21 -28.26
N ARG B 264 10.67 23.99 -27.96
CA ARG B 264 11.63 24.86 -27.26
C ARG B 264 12.04 26.06 -28.12
N ASP B 265 11.65 27.26 -27.70
CA ASP B 265 11.98 28.53 -28.38
C ASP B 265 11.61 28.55 -29.86
N VAL B 266 10.37 28.13 -30.15
CA VAL B 266 9.88 28.04 -31.52
C VAL B 266 9.78 29.45 -32.10
N ASN B 267 10.60 29.69 -33.13
CA ASN B 267 10.75 31.00 -33.78
C ASN B 267 11.12 32.13 -32.81
N LYS B 268 11.78 31.77 -31.70
CA LYS B 268 12.07 32.67 -30.57
C LYS B 268 10.83 33.36 -29.97
N LYS B 269 9.69 32.68 -30.03
CA LYS B 269 8.42 33.25 -29.57
C LYS B 269 7.74 32.51 -28.42
N PHE B 270 7.81 31.18 -28.39
CA PHE B 270 7.16 30.42 -27.32
C PHE B 270 7.78 29.06 -27.06
N SER B 271 7.41 28.52 -25.90
CA SER B 271 7.83 27.21 -25.44
C SER B 271 6.65 26.45 -24.86
N VAL B 272 6.71 25.12 -24.97
CA VAL B 272 5.81 24.22 -24.27
C VAL B 272 6.65 23.11 -23.67
N ARG B 273 6.58 22.99 -22.36
CA ARG B 273 7.48 22.16 -21.58
C ARG B 273 6.71 21.30 -20.61
N TYR B 274 7.20 20.09 -20.37
CA TYR B 274 6.52 19.15 -19.48
C TYR B 274 7.42 18.80 -18.31
N PHE B 275 6.78 18.63 -17.16
CA PHE B 275 7.45 18.40 -15.88
C PHE B 275 6.76 17.27 -15.15
N LEU B 276 7.54 16.39 -14.55
CA LEU B 276 7.00 15.40 -13.62
C LEU B 276 7.12 16.02 -12.26
N ASN B 277 6.01 16.14 -11.56
CA ASN B 277 5.97 16.74 -10.24
C ASN B 277 5.54 15.65 -9.28
N LEU B 278 6.43 15.33 -8.34
CA LEU B 278 6.21 14.28 -7.35
C LEU B 278 5.70 14.93 -6.08
N VAL B 279 4.48 14.61 -5.65
CA VAL B 279 3.90 15.23 -4.44
C VAL B 279 3.57 14.22 -3.35
N LEU B 280 4.06 14.48 -2.13
CA LEU B 280 3.72 13.69 -0.94
C LEU B 280 2.83 14.58 -0.09
N VAL B 281 1.74 14.02 0.43
CA VAL B 281 0.84 14.76 1.31
C VAL B 281 0.83 14.07 2.66
N ASP B 282 1.03 14.83 3.74
CA ASP B 282 1.03 14.24 5.10
C ASP B 282 -0.38 14.27 5.74
N GLU B 283 -0.50 13.71 6.95
CA GLU B 283 -1.80 13.57 7.64
C GLU B 283 -2.50 14.88 8.00
N GLU B 284 -1.73 15.97 8.09
CA GLU B 284 -2.29 17.32 8.31
C GLU B 284 -2.36 18.15 7.01
N ASP B 285 -2.40 17.47 5.85
CA ASP B 285 -2.52 18.11 4.54
C ASP B 285 -1.34 18.97 4.06
N ARG B 286 -0.19 18.84 4.71
CA ARG B 286 1.05 19.48 4.25
C ARG B 286 1.57 18.73 3.03
N ARG B 287 2.29 19.42 2.16
CA ARG B 287 2.56 18.95 0.81
C ARG B 287 4.04 19.18 0.50
N TYR B 288 4.73 18.13 0.05
CA TYR B 288 6.17 18.17 -0.21
C TYR B 288 6.39 17.73 -1.64
N PHE B 289 7.11 18.53 -2.42
CA PHE B 289 7.19 18.31 -3.87
C PHE B 289 8.60 18.41 -4.46
N LYS B 290 8.81 17.73 -5.59
CA LYS B 290 9.96 17.97 -6.47
C LYS B 290 9.59 17.86 -7.96
N GLN B 291 9.95 18.89 -8.72
CA GLN B 291 9.61 18.99 -10.13
C GLN B 291 10.83 18.63 -10.99
N GLN B 292 10.61 17.84 -12.04
CA GLN B 292 11.67 17.46 -12.98
C GLN B 292 11.20 17.60 -14.41
N GLU B 293 11.94 18.32 -15.24
CA GLU B 293 11.57 18.43 -16.65
C GLU B 293 11.78 17.10 -17.35
N ILE B 294 10.86 16.75 -18.23
CA ILE B 294 11.03 15.63 -19.15
C ILE B 294 10.74 16.14 -20.57
N ILE B 295 11.51 15.70 -21.56
CA ILE B 295 11.24 16.07 -22.94
C ILE B 295 10.30 15.04 -23.50
N LEU B 296 9.18 15.49 -24.07
CA LEU B 296 8.33 14.63 -24.88
C LEU B 296 8.65 14.85 -26.35
N TRP B 297 8.63 13.76 -27.13
CA TRP B 297 8.89 13.80 -28.58
C TRP B 297 7.97 12.88 -29.37
N ARG B 298 7.72 13.24 -30.63
CA ARG B 298 6.82 12.48 -31.49
C ARG B 298 7.63 11.44 -32.24
N LYS B 299 7.29 10.16 -32.05
CA LYS B 299 8.08 9.09 -32.61
C LYS B 299 7.78 8.93 -34.09
N ALA B 300 8.85 8.93 -34.89
CA ALA B 300 8.78 8.60 -36.30
C ALA B 300 8.30 7.15 -36.43
N PRO B 301 7.11 6.91 -37.04
CA PRO B 301 6.72 5.50 -37.26
C PRO B 301 7.59 4.82 -38.35
N GLU B 302 7.83 3.53 -38.20
CA GLU B 302 8.75 2.80 -39.09
C GLU B 302 8.16 2.55 -40.47
N SER B 323 -0.74 30.51 2.73
CA SER B 323 -1.40 29.21 2.56
C SER B 323 -1.34 28.41 3.88
N ALA B 324 -2.21 28.78 4.83
CA ALA B 324 -2.25 28.15 6.16
C ALA B 324 -2.86 26.75 6.14
N GLU B 325 -3.95 26.62 5.38
CA GLU B 325 -4.63 25.34 5.12
C GLU B 325 -3.73 24.18 4.63
N GLN B 326 -2.84 24.49 3.68
CA GLN B 326 -2.09 23.48 2.91
C GLN B 326 -0.71 24.03 2.52
N PRO B 327 0.24 24.07 3.48
CA PRO B 327 1.58 24.60 3.18
C PRO B 327 2.40 23.69 2.27
N GLU B 328 3.18 24.30 1.38
CA GLU B 328 3.98 23.59 0.38
C GLU B 328 5.47 23.79 0.67
N MSE B 329 6.24 22.71 0.67
CA MSE B 329 7.68 22.77 0.91
C MSE B 329 8.36 21.99 -0.18
O MSE B 329 8.06 20.82 -0.39
CB MSE B 329 8.01 22.15 2.26
CG MSE B 329 7.68 23.12 3.39
SE MSE B 329 7.52 22.11 5.08
CE MSE B 329 5.65 21.52 4.87
N GLY B 330 9.28 22.64 -0.89
CA GLY B 330 10.06 21.99 -1.94
C GLY B 330 11.13 21.10 -1.35
N LEU B 331 11.26 19.89 -1.90
CA LEU B 331 12.28 18.96 -1.46
C LEU B 331 13.57 19.38 -2.13
N VAL B 332 14.63 19.55 -1.34
CA VAL B 332 15.90 20.09 -1.85
C VAL B 332 16.95 18.99 -1.98
N PRO B 333 17.81 19.06 -3.02
CA PRO B 333 18.89 18.09 -3.22
C PRO B 333 19.74 17.86 -1.98
N ARG B 334 19.99 16.59 -1.66
CA ARG B 334 20.86 16.23 -0.54
C ARG B 334 22.28 15.94 -1.05
N GLY B 335 22.97 17.03 -1.43
CA GLY B 335 24.34 16.98 -1.94
C GLY B 335 25.36 16.99 -0.82
N THR C 9 4.92 -11.19 -26.12
CA THR C 9 4.60 -10.41 -24.88
C THR C 9 3.22 -9.77 -24.97
N VAL C 10 2.36 -10.09 -24.00
CA VAL C 10 0.99 -9.56 -23.95
C VAL C 10 0.82 -8.45 -22.91
N ALA C 11 1.80 -8.26 -22.05
CA ALA C 11 1.72 -7.33 -20.93
C ALA C 11 3.08 -6.73 -20.62
N ASP C 12 3.09 -5.41 -20.45
CA ASP C 12 4.27 -4.69 -20.02
C ASP C 12 4.35 -4.81 -18.50
N THR C 13 5.33 -5.56 -18.01
CA THR C 13 5.50 -5.79 -16.59
C THR C 13 6.81 -5.19 -16.10
N ARG C 14 7.21 -4.07 -16.71
CA ARG C 14 8.52 -3.50 -16.41
C ARG C 14 8.51 -2.77 -15.06
N ARG C 15 9.57 -3.02 -14.30
CA ARG C 15 9.81 -2.36 -13.03
C ARG C 15 11.30 -2.16 -12.88
N LEU C 16 11.70 -1.17 -12.11
CA LEU C 16 13.10 -1.04 -11.75
C LEU C 16 13.42 -2.04 -10.63
N ILE C 17 14.68 -2.48 -10.60
CA ILE C 17 15.15 -3.42 -9.58
C ILE C 17 15.15 -2.70 -8.22
N THR C 18 14.75 -3.41 -7.16
CA THR C 18 14.72 -2.82 -5.81
C THR C 18 15.67 -3.51 -4.85
N LYS C 19 16.18 -2.73 -3.91
CA LYS C 19 17.00 -3.25 -2.81
C LYS C 19 16.08 -3.83 -1.75
N PRO C 20 16.21 -5.14 -1.42
CA PRO C 20 15.37 -5.72 -0.37
C PRO C 20 15.41 -4.95 0.95
N GLN C 21 14.25 -4.77 1.58
CA GLN C 21 14.19 -4.09 2.86
C GLN C 21 14.75 -4.99 3.97
N ASN C 22 15.66 -4.41 4.74
CA ASN C 22 16.19 -5.00 5.96
C ASN C 22 15.07 -5.25 6.97
N LEU C 23 15.09 -6.40 7.64
CA LEU C 23 13.99 -6.78 8.55
C LEU C 23 13.85 -5.96 9.85
N ASN C 24 14.94 -5.37 10.33
CA ASN C 24 14.85 -4.45 11.47
C ASN C 24 14.04 -3.21 11.07
N ASP C 25 14.21 -2.77 9.82
CA ASP C 25 13.43 -1.67 9.27
C ASP C 25 11.97 -2.07 9.03
N ALA C 26 11.74 -3.24 8.44
CA ALA C 26 10.37 -3.71 8.16
C ALA C 26 9.49 -3.88 9.40
N TYR C 27 10.08 -4.44 10.47
CA TYR C 27 9.33 -4.72 11.70
C TYR C 27 9.61 -3.75 12.85
N GLY C 28 10.59 -2.87 12.73
CA GLY C 28 10.84 -1.85 13.76
C GLY C 28 9.72 -0.83 13.81
N PRO C 29 9.47 -0.23 15.00
CA PRO C 29 8.40 0.79 15.11
C PRO C 29 8.74 2.06 14.33
N PRO C 30 7.73 2.74 13.75
CA PRO C 30 8.05 3.91 12.91
C PRO C 30 8.66 5.08 13.68
N SER C 31 9.37 5.95 12.96
CA SER C 31 10.09 7.07 13.56
C SER C 31 9.32 8.40 13.41
N ASN C 32 8.00 8.33 13.30
CA ASN C 32 7.16 9.51 13.07
C ASN C 32 6.09 9.73 14.18
N PHE C 33 6.34 9.21 15.38
CA PHE C 33 5.37 9.29 16.47
C PHE C 33 5.40 10.65 17.16
N LEU C 34 4.24 11.30 17.18
CA LEU C 34 4.05 12.59 17.86
C LEU C 34 2.56 12.81 18.10
N GLU C 35 2.12 12.66 19.34
CA GLU C 35 0.75 13.03 19.72
C GLU C 35 0.78 14.03 20.89
N ILE C 36 -0.09 15.04 20.80
CA ILE C 36 -0.19 16.09 21.80
C ILE C 36 -1.66 16.22 22.18
N ASP C 37 -1.96 16.08 23.47
CA ASP C 37 -3.33 16.19 23.99
C ASP C 37 -3.42 17.42 24.88
N VAL C 38 -4.52 18.15 24.73
CA VAL C 38 -4.85 19.29 25.58
C VAL C 38 -6.01 18.82 26.45
N SER C 39 -5.81 18.80 27.77
CA SER C 39 -6.79 18.18 28.66
C SER C 39 -6.92 18.88 30.00
N ASN C 40 -8.02 18.58 30.67
CA ASN C 40 -8.20 18.83 32.10
C ASN C 40 -8.17 20.32 32.44
N PRO C 41 -9.20 21.08 31.98
CA PRO C 41 -9.29 22.51 32.26
C PRO C 41 -9.54 22.80 33.76
N GLN C 42 -8.80 23.76 34.32
CA GLN C 42 -8.83 24.10 35.75
C GLN C 42 -8.75 25.61 35.97
N THR C 43 -9.61 26.13 36.85
CA THR C 43 -9.58 27.55 37.22
C THR C 43 -8.43 27.80 38.22
N VAL C 44 -7.62 28.82 37.95
CA VAL C 44 -6.47 29.20 38.81
C VAL C 44 -6.68 30.64 39.27
N GLY C 45 -6.88 30.81 40.59
CA GLY C 45 -7.11 32.12 41.20
C GLY C 45 -8.52 32.22 41.76
N VAL C 46 -8.86 33.39 42.26
CA VAL C 46 -10.20 33.68 42.78
C VAL C 46 -10.61 35.09 42.36
N GLY C 47 -11.91 35.28 42.11
CA GLY C 47 -12.47 36.60 41.77
C GLY C 47 -12.08 37.13 40.40
N ARG C 48 -11.35 38.25 40.38
CA ARG C 48 -11.12 39.04 39.16
C ARG C 48 -9.98 38.47 38.31
N GLY C 49 -8.92 38.01 38.97
CA GLY C 49 -7.74 37.46 38.29
C GLY C 49 -7.77 35.97 38.01
N ARG C 50 -8.96 35.36 37.95
CA ARG C 50 -9.12 33.96 37.53
C ARG C 50 -8.76 33.77 36.06
N PHE C 51 -8.29 32.56 35.73
CA PHE C 51 -8.07 32.14 34.35
C PHE C 51 -7.96 30.62 34.31
N THR C 52 -8.35 30.05 33.17
CA THR C 52 -8.30 28.60 32.98
C THR C 52 -6.89 28.18 32.56
N THR C 53 -6.44 27.00 33.01
CA THR C 53 -5.24 26.36 32.44
C THR C 53 -5.54 24.95 31.98
N TYR C 54 -4.78 24.51 30.99
CA TYR C 54 -4.93 23.21 30.37
C TYR C 54 -3.60 22.45 30.52
N GLU C 55 -3.68 21.14 30.74
CA GLU C 55 -2.51 20.26 30.68
C GLU C 55 -2.17 19.97 29.22
N ILE C 56 -0.92 20.22 28.84
CA ILE C 56 -0.40 19.86 27.53
C ILE C 56 0.53 18.65 27.67
N ARG C 57 0.04 17.49 27.23
CA ARG C 57 0.74 16.22 27.38
C ARG C 57 1.31 15.78 26.01
N VAL C 58 2.63 15.65 25.93
CA VAL C 58 3.34 15.22 24.71
C VAL C 58 3.91 13.81 24.85
N LYS C 59 3.73 12.96 23.83
CA LYS C 59 4.47 11.70 23.69
C LYS C 59 5.09 11.67 22.29
N THR C 60 6.37 11.33 22.19
CA THR C 60 7.08 11.40 20.92
C THR C 60 8.29 10.46 20.82
N ASN C 61 8.72 10.20 19.60
CA ASN C 61 10.03 9.60 19.33
C ASN C 61 10.85 10.36 18.31
N LEU C 62 10.51 11.64 18.07
CA LEU C 62 11.34 12.48 17.21
C LEU C 62 12.55 12.98 18.02
N PRO C 63 13.77 12.81 17.49
CA PRO C 63 14.97 13.20 18.25
C PRO C 63 15.15 14.70 18.49
N ILE C 64 14.46 15.56 17.74
CA ILE C 64 14.53 17.02 17.93
C ILE C 64 13.94 17.48 19.29
N PHE C 65 12.90 16.80 19.78
CA PHE C 65 12.31 17.08 21.08
C PHE C 65 13.16 16.45 22.18
N LYS C 66 13.41 17.20 23.26
CA LYS C 66 14.31 16.77 24.33
C LYS C 66 13.76 15.69 25.26
N LEU C 67 12.44 15.60 25.40
CA LEU C 67 11.81 14.60 26.28
C LEU C 67 10.82 13.75 25.49
N LYS C 68 10.90 12.44 25.65
CA LYS C 68 10.01 11.49 24.96
C LYS C 68 8.59 11.58 25.53
N GLU C 69 8.48 11.97 26.79
CA GLU C 69 7.20 12.26 27.46
C GLU C 69 7.32 13.53 28.29
N SER C 70 6.31 14.40 28.19
CA SER C 70 6.26 15.67 28.92
C SER C 70 4.82 16.02 29.27
N THR C 71 4.64 16.63 30.44
CA THR C 71 3.36 17.24 30.82
C THR C 71 3.62 18.64 31.41
N VAL C 72 2.93 19.65 30.87
CA VAL C 72 3.05 21.05 31.30
C VAL C 72 1.68 21.72 31.33
N ARG C 73 1.58 22.83 32.07
CA ARG C 73 0.30 23.57 32.19
C ARG C 73 0.39 24.87 31.42
N ARG C 74 -0.67 25.18 30.67
CA ARG C 74 -0.68 26.34 29.79
C ARG C 74 -2.02 27.08 29.79
N ARG C 75 -1.89 28.40 29.63
CA ARG C 75 -2.97 29.37 29.62
C ARG C 75 -3.26 29.70 28.15
N TYR C 76 -4.47 30.19 27.84
CA TYR C 76 -4.77 30.60 26.45
C TYR C 76 -3.81 31.68 25.92
N SER C 77 -3.34 32.57 26.79
CA SER C 77 -2.33 33.60 26.41
C SER C 77 -1.00 32.99 26.01
N ASP C 78 -0.60 31.90 26.64
CA ASP C 78 0.59 31.17 26.23
C ASP C 78 0.46 30.67 24.79
N PHE C 79 -0.73 30.16 24.44
CA PHE C 79 -1.03 29.81 23.05
C PHE C 79 -0.94 31.03 22.12
N GLU C 80 -1.41 32.20 22.58
CA GLU C 80 -1.26 33.46 21.85
C GLU C 80 0.19 33.92 21.69
N TRP C 81 0.97 33.75 22.76
CA TRP C 81 2.40 34.08 22.76
C TRP C 81 3.18 33.22 21.75
N LEU C 82 2.90 31.92 21.74
CA LEU C 82 3.55 30.99 20.80
C LEU C 82 3.29 31.37 19.35
N ARG C 83 2.01 31.56 19.01
CA ARG C 83 1.61 31.96 17.66
C ARG C 83 2.27 33.26 17.21
N SER C 84 2.42 34.20 18.14
CA SER C 84 3.04 35.48 17.86
C SER C 84 4.53 35.30 17.56
N GLU C 85 5.24 34.60 18.45
CA GLU C 85 6.65 34.28 18.28
C GLU C 85 6.96 33.52 16.98
N LEU C 86 6.05 32.62 16.59
CA LEU C 86 6.16 31.91 15.32
C LEU C 86 5.89 32.82 14.11
N GLU C 87 4.88 33.68 14.19
CA GLU C 87 4.54 34.61 13.07
C GLU C 87 5.67 35.57 12.69
N ARG C 88 6.57 35.86 13.63
CA ARG C 88 7.64 36.85 13.43
C ARG C 88 8.91 36.29 12.78
N GLU C 89 9.39 35.12 13.24
CA GLU C 89 10.63 34.51 12.71
C GLU C 89 10.44 33.30 11.78
N SER C 90 9.40 32.51 12.00
CA SER C 90 9.30 31.17 11.39
C SER C 90 9.18 31.13 9.86
N LYS C 91 8.49 32.12 9.27
CA LYS C 91 8.04 32.07 7.86
C LYS C 91 7.13 30.88 7.58
N VAL C 92 6.48 30.39 8.64
CA VAL C 92 5.43 29.40 8.56
C VAL C 92 4.19 30.26 8.73
N VAL C 93 3.39 30.34 7.70
CA VAL C 93 2.02 30.83 7.85
C VAL C 93 1.37 29.95 8.94
N VAL C 94 1.10 30.57 10.09
CA VAL C 94 0.68 29.85 11.29
C VAL C 94 -0.85 29.72 11.25
N PRO C 95 -1.41 28.55 11.64
CA PRO C 95 -2.86 28.46 11.69
C PRO C 95 -3.50 29.37 12.75
N PRO C 96 -4.82 29.59 12.66
CA PRO C 96 -5.51 30.47 13.61
C PRO C 96 -5.80 29.79 14.95
N LEU C 97 -5.83 30.58 16.02
CA LEU C 97 -6.30 30.10 17.32
C LEU C 97 -7.84 30.08 17.37
N PRO C 98 -8.43 29.40 18.36
CA PRO C 98 -9.91 29.33 18.39
C PRO C 98 -10.63 30.65 18.70
N GLY C 99 -9.91 31.66 19.18
CA GLY C 99 -10.46 33.01 19.30
C GLY C 99 -10.52 33.52 20.72
N LYS C 100 -9.91 34.69 20.93
CA LYS C 100 -10.15 35.51 22.10
C LYS C 100 -11.65 35.86 22.10
N ALA C 101 -12.30 35.73 23.25
CA ALA C 101 -13.73 36.01 23.36
C ALA C 101 -13.95 37.16 24.33
N PHE C 102 -13.57 38.36 23.89
CA PHE C 102 -13.69 39.58 24.70
C PHE C 102 -15.08 39.78 25.34
N LEU C 103 -16.14 39.61 24.56
CA LEU C 103 -17.50 39.86 25.03
C LEU C 103 -18.00 38.85 26.07
N ARG C 104 -17.38 37.67 26.13
CA ARG C 104 -17.64 36.69 27.21
C ARG C 104 -17.10 37.14 28.59
N GLN C 105 -16.15 38.08 28.62
CA GLN C 105 -15.65 38.64 29.88
C GLN C 105 -16.52 39.77 30.43
N LEU C 106 -17.51 40.23 29.66
CA LEU C 106 -18.43 41.26 30.15
C LEU C 106 -19.37 40.69 31.22
N PRO C 107 -19.79 41.53 32.18
CA PRO C 107 -20.51 41.02 33.33
C PRO C 107 -22.00 40.79 33.05
N PHE C 108 -22.65 40.06 33.96
CA PHE C 108 -24.10 39.78 33.94
C PHE C 108 -24.62 39.22 32.62
N ARG C 109 -23.92 38.19 32.14
CA ARG C 109 -24.35 37.41 30.99
C ARG C 109 -25.35 36.35 31.43
N GLY C 110 -25.98 35.69 30.46
CA GLY C 110 -26.78 34.49 30.70
C GLY C 110 -26.00 33.18 30.70
N ASP C 111 -24.68 33.23 30.91
CA ASP C 111 -23.85 32.04 31.10
C ASP C 111 -22.71 32.38 32.06
N ASP C 112 -21.80 31.43 32.30
CA ASP C 112 -20.63 31.67 33.17
C ASP C 112 -19.46 32.35 32.41
N GLY C 113 -19.76 32.94 31.26
CA GLY C 113 -18.83 33.79 30.53
C GLY C 113 -17.68 33.02 29.96
N ILE C 114 -16.48 33.34 30.43
CA ILE C 114 -15.25 32.68 30.00
C ILE C 114 -15.04 31.30 30.67
N PHE C 115 -15.88 30.97 31.65
CA PHE C 115 -15.88 29.67 32.34
C PHE C 115 -17.12 28.81 32.04
N ASP C 116 -17.85 29.15 30.99
CA ASP C 116 -18.93 28.30 30.48
C ASP C 116 -18.31 27.00 29.97
N ASP C 117 -18.98 25.88 30.24
CA ASP C 117 -18.41 24.55 29.94
C ASP C 117 -18.39 24.22 28.45
N ASN C 118 -19.43 24.61 27.71
CA ASN C 118 -19.44 24.44 26.24
C ASN C 118 -18.37 25.30 25.60
N PHE C 119 -18.16 26.48 26.16
CA PHE C 119 -17.12 27.37 25.67
C PHE C 119 -15.74 26.72 25.87
N ILE C 120 -15.44 26.31 27.10
CA ILE C 120 -14.14 25.70 27.44
C ILE C 120 -13.85 24.43 26.63
N GLU C 121 -14.90 23.64 26.37
CA GLU C 121 -14.81 22.44 25.55
C GLU C 121 -14.46 22.76 24.10
N GLU C 122 -15.15 23.74 23.52
CA GLU C 122 -14.88 24.11 22.13
C GLU C 122 -13.51 24.77 22.00
N ARG C 123 -13.13 25.59 22.98
CA ARG C 123 -11.80 26.20 23.02
C ARG C 123 -10.72 25.12 23.09
N LYS C 124 -10.88 24.22 24.05
CA LYS C 124 -9.94 23.10 24.26
C LYS C 124 -9.65 22.32 22.97
N GLN C 125 -10.72 21.94 22.27
CA GLN C 125 -10.59 21.22 21.00
C GLN C 125 -9.83 22.03 19.94
N GLY C 126 -10.18 23.31 19.81
CA GLY C 126 -9.47 24.23 18.93
C GLY C 126 -8.00 24.40 19.26
N LEU C 127 -7.65 24.39 20.55
CA LEU C 127 -6.25 24.47 21.00
C LEU C 127 -5.44 23.21 20.66
N GLU C 128 -6.07 22.04 20.79
CA GLU C 128 -5.47 20.75 20.43
C GLU C 128 -5.27 20.69 18.91
N GLN C 129 -6.31 21.05 18.16
CA GLN C 129 -6.23 21.23 16.70
C GLN C 129 -5.03 22.09 16.30
N PHE C 130 -4.93 23.26 16.94
CA PHE C 130 -3.88 24.24 16.65
C PHE C 130 -2.48 23.69 16.93
N ILE C 131 -2.26 23.21 18.14
CA ILE C 131 -0.93 22.76 18.56
C ILE C 131 -0.45 21.54 17.76
N ASN C 132 -1.36 20.67 17.33
CA ASN C 132 -0.97 19.52 16.52
C ASN C 132 -0.54 19.88 15.10
N LYS C 133 -1.19 20.88 14.49
CA LYS C 133 -0.76 21.39 13.17
C LYS C 133 0.61 22.07 13.27
N VAL C 134 0.80 22.86 14.31
CA VAL C 134 2.02 23.64 14.48
C VAL C 134 3.21 22.76 14.85
N ALA C 135 3.01 21.83 15.79
CA ALA C 135 4.09 20.95 16.28
C ALA C 135 4.60 19.96 15.21
N GLY C 136 3.72 19.51 14.32
CA GLY C 136 4.10 18.64 13.20
C GLY C 136 4.77 19.33 12.01
N HIS C 137 4.73 20.66 11.94
CA HIS C 137 5.32 21.41 10.83
C HIS C 137 6.85 21.40 10.96
N PRO C 138 7.57 20.92 9.90
CA PRO C 138 9.05 20.78 9.99
C PRO C 138 9.82 22.05 10.32
N LEU C 139 9.47 23.16 9.66
CA LEU C 139 10.05 24.48 9.95
C LEU C 139 9.72 25.02 11.37
N ALA C 140 8.56 24.67 11.92
CA ALA C 140 8.20 25.05 13.29
C ALA C 140 8.98 24.28 14.36
N GLN C 141 9.38 23.04 14.05
CA GLN C 141 10.16 22.21 14.98
C GLN C 141 11.60 22.71 15.23
N ASN C 142 12.14 23.52 14.33
CA ASN C 142 13.44 24.18 14.54
C ASN C 142 13.41 25.32 15.56
N GLU C 143 12.29 26.04 15.63
CA GLU C 143 12.19 27.24 16.47
C GLU C 143 12.22 26.90 17.97
N ARG C 144 12.98 27.68 18.73
CA ARG C 144 13.14 27.45 20.17
C ARG C 144 11.85 27.71 20.97
N CYS C 145 10.98 28.59 20.46
CA CYS C 145 9.71 28.93 21.12
C CYS C 145 8.74 27.74 21.30
N LEU C 146 8.70 26.85 20.30
CA LEU C 146 7.86 25.64 20.36
C LEU C 146 8.28 24.68 21.48
N HIS C 147 9.58 24.40 21.58
CA HIS C 147 10.10 23.48 22.59
C HIS C 147 9.91 24.03 24.02
N MET C 148 10.11 25.34 24.13
CA MET C 148 9.84 26.13 25.34
C MET C 148 8.37 25.97 25.75
N PHE C 149 7.44 26.21 24.82
CA PHE C 149 5.99 26.09 25.08
C PHE C 149 5.55 24.68 25.48
N LEU C 150 6.12 23.65 24.83
CA LEU C 150 5.65 22.26 25.02
C LEU C 150 6.29 21.53 26.22
N GLN C 151 7.56 21.82 26.51
CA GLN C 151 8.37 20.96 27.41
C GLN C 151 9.10 21.62 28.60
N ASP C 152 9.40 22.93 28.53
CA ASP C 152 9.77 23.70 29.74
C ASP C 152 8.51 23.85 30.58
N GLU C 153 8.63 23.75 31.91
CA GLU C 153 7.45 23.78 32.79
C GLU C 153 6.81 25.18 32.92
N ILE C 154 7.61 26.23 32.80
CA ILE C 154 7.11 27.62 32.71
C ILE C 154 7.82 28.36 31.56
N ILE C 155 7.06 29.18 30.82
CA ILE C 155 7.61 29.89 29.66
C ILE C 155 8.42 31.10 30.14
N ASP C 156 9.55 31.35 29.48
CA ASP C 156 10.43 32.48 29.77
C ASP C 156 10.30 33.48 28.62
N LYS C 157 9.50 34.52 28.82
CA LYS C 157 9.26 35.52 27.76
C LYS C 157 10.47 36.39 27.46
N SER C 158 11.36 36.55 28.45
CA SER C 158 12.66 37.20 28.25
C SER C 158 13.69 36.19 27.71
N TYR C 159 13.50 35.79 26.46
CA TYR C 159 14.37 34.83 25.77
C TYR C 159 14.83 35.44 24.46
N THR C 160 15.92 34.92 23.92
CA THR C 160 16.49 35.37 22.64
C THR C 160 16.21 34.31 21.55
N PRO C 161 15.33 34.63 20.56
CA PRO C 161 14.92 33.61 19.56
C PRO C 161 16.07 33.04 18.70
N SER C 162 16.26 31.73 18.77
CA SER C 162 17.31 31.02 18.01
C SER C 162 16.70 29.96 17.08
N LYS C 163 17.51 29.52 16.12
CA LYS C 163 17.19 28.38 15.23
C LYS C 163 15.90 28.57 14.44
S SO4 D . -10.10 12.04 -2.59
O1 SO4 D . -11.49 11.56 -2.64
O2 SO4 D . -9.57 11.94 -1.20
O3 SO4 D . -9.25 11.25 -3.51
O4 SO4 D . -10.06 13.46 -3.02
S SO4 E . -9.89 8.08 -12.99
O1 SO4 E . -9.51 7.20 -11.87
O2 SO4 E . -11.35 8.28 -12.97
O3 SO4 E . -9.47 7.44 -14.27
O4 SO4 E . -9.22 9.40 -12.84
C1 GOL F . -15.25 -0.66 -26.00
O1 GOL F . -15.05 -2.08 -26.03
C2 GOL F . -16.52 -0.35 -25.21
O2 GOL F . -16.52 -1.13 -24.01
C3 GOL F . -16.63 1.13 -24.86
O3 GOL F . -17.58 1.32 -23.80
C1 EDO G . -6.61 6.09 -0.37
O1 EDO G . -5.75 7.09 -0.94
C2 EDO G . -6.67 4.87 -1.30
O2 EDO G . -6.68 5.22 -2.71
C1 EDO H . -6.43 -20.87 0.72
O1 EDO H . -5.19 -21.16 0.06
C2 EDO H . -7.31 -20.01 -0.17
O2 EDO H . -6.52 -19.21 -1.07
C1 EDO I . 3.75 -4.04 0.81
O1 EDO I . 4.77 -3.62 1.71
C2 EDO I . 2.46 -3.37 1.24
O2 EDO I . 1.36 -3.87 0.47
C1 EDO J . -2.27 -19.22 30.29
O1 EDO J . -1.24 -20.10 30.75
C2 EDO J . -3.50 -19.99 29.80
O2 EDO J . -3.15 -21.32 29.37
C1 EDO K . 11.60 -9.93 21.38
O1 EDO K . 11.66 -11.11 20.55
C2 EDO K . 12.99 -9.52 21.79
O2 EDO K . 13.60 -10.67 22.39
C1 EDO L . -1.33 -31.17 28.27
O1 EDO L . -0.30 -30.74 29.18
C2 EDO L . -1.43 -32.68 28.24
O2 EDO L . -2.15 -33.11 27.09
C1 EDO M . 18.18 -45.46 24.53
O1 EDO M . 16.95 -44.80 24.89
C2 EDO M . 17.89 -46.76 23.77
O2 EDO M . 16.87 -46.55 22.79
C1 EDO N . -10.06 3.66 -15.47
O1 EDO N . -11.47 3.82 -15.27
C2 EDO N . -9.75 2.18 -15.50
O2 EDO N . -10.54 1.55 -16.50
C1 EDO O . -10.46 -19.95 -10.87
O1 EDO O . -9.44 -19.02 -11.27
C2 EDO O . -10.64 -21.06 -11.89
O2 EDO O . -9.38 -21.64 -12.28
S SO4 P . 13.75 28.21 -34.53
O1 SO4 P . 13.55 28.01 -35.97
O2 SO4 P . 12.65 27.60 -33.74
O3 SO4 P . 15.00 27.54 -34.15
O4 SO4 P . 13.87 29.66 -34.22
C1 GOL Q . 20.98 14.27 -27.53
O1 GOL Q . 21.89 13.37 -26.89
C2 GOL Q . 19.99 13.47 -28.39
O2 GOL Q . 18.66 13.90 -28.14
C3 GOL Q . 20.32 13.67 -29.85
O3 GOL Q . 19.41 12.90 -30.63
C1 GOL R . 1.98 21.54 -4.98
O1 GOL R . 1.08 20.44 -5.19
C2 GOL R . 3.04 21.56 -6.09
O2 GOL R . 2.44 21.26 -7.37
C3 GOL R . 3.70 22.93 -6.17
O3 GOL R . 4.73 22.94 -7.17
C1 GOL S . 10.89 1.20 -24.93
O1 GOL S . 11.83 1.81 -24.00
C2 GOL S . 10.48 2.13 -26.08
O2 GOL S . 11.62 2.78 -26.66
C3 GOL S . 9.75 1.33 -27.18
O3 GOL S . 8.82 2.15 -27.92
C1 EDO T . 14.76 14.47 -28.04
O1 EDO T . 14.99 15.89 -28.13
C2 EDO T . 14.18 13.93 -29.34
O2 EDO T . 14.73 12.63 -29.61
C1 EDO U . -8.75 20.70 -44.29
O1 EDO U . -7.88 19.58 -44.47
C2 EDO U . -10.15 20.25 -43.91
O2 EDO U . -10.66 21.21 -42.97
C1 EDO V . -2.36 40.69 -56.96
O1 EDO V . -0.96 40.85 -57.25
C2 EDO V . -2.86 39.40 -57.60
O2 EDO V . -2.22 38.27 -56.99
C1 EDO W . -1.13 25.38 -20.67
O1 EDO W . -0.38 25.00 -21.83
C2 EDO W . -2.58 25.67 -21.04
O2 EDO W . -3.03 24.78 -22.06
C1 EDO X . -3.94 33.03 -30.55
O1 EDO X . -3.38 34.35 -30.62
C2 EDO X . -3.87 32.53 -29.11
O2 EDO X . -5.04 31.76 -28.76
C1 EDO Y . 10.48 30.72 -25.09
O1 EDO Y . 10.91 31.54 -26.19
C2 EDO Y . 9.78 31.56 -24.05
O2 EDO Y . 10.06 32.94 -24.23
C1 EDO Z . 9.88 15.92 -32.15
O1 EDO Z . 11.11 16.64 -31.96
C2 EDO Z . 8.75 16.67 -31.43
O2 EDO Z . 7.66 16.98 -32.32
C1 EDO AA . -10.35 38.02 -34.91
O1 EDO AA . -11.21 37.90 -36.06
C2 EDO AA . -10.96 37.30 -33.72
O2 EDO AA . -12.33 37.68 -33.55
C1 EDO BA . -13.02 53.51 -64.16
O1 EDO BA . -13.50 52.49 -63.27
C2 EDO BA . -13.03 54.86 -63.46
O2 EDO BA . -13.73 54.74 -62.21
C1 EDO CA . -8.86 34.78 -31.31
O1 EDO CA . -9.03 34.84 -32.73
C2 EDO CA . -10.05 35.46 -30.59
O2 EDO CA . -10.23 35.04 -29.22
C1 EDO DA . 6.67 29.25 -13.39
O1 EDO DA . 5.79 30.34 -13.71
C2 EDO DA . 6.14 28.44 -12.21
O2 EDO DA . 5.07 27.57 -12.64
C1 EDO EA . 10.60 -9.50 -14.25
O1 EDO EA . 10.55 -10.17 -12.98
C2 EDO EA . 9.22 -8.97 -14.66
O2 EDO EA . 8.13 -9.76 -14.13
S SO4 FA . -6.33 33.65 29.19
O1 SO4 FA . -7.25 34.09 28.13
O2 SO4 FA . -6.94 32.55 29.94
O3 SO4 FA . -6.03 34.74 30.14
O4 SO4 FA . -5.07 33.21 28.55
S SO4 GA . -10.22 35.49 26.83
O1 SO4 GA . -11.28 36.11 27.63
O2 SO4 GA . -10.07 34.05 27.15
O3 SO4 GA . -8.94 36.17 27.13
O4 SO4 GA . -10.58 35.64 25.40
S SO4 HA . -10.57 16.33 29.12
O1 SO4 HA . -10.89 14.89 29.21
O2 SO4 HA . -11.78 17.05 28.64
O3 SO4 HA . -9.48 16.50 28.14
O4 SO4 HA . -10.18 16.84 30.46
C1 GOL IA . 17.25 6.85 12.58
O1 GOL IA . 18.18 7.46 11.69
C2 GOL IA . 15.83 7.26 12.18
O2 GOL IA . 14.97 7.21 13.32
C3 GOL IA . 15.31 6.34 11.08
O3 GOL IA . 14.06 6.80 10.57
C1 EDO JA . 1.57 28.62 33.22
O1 EDO JA . 0.98 29.35 32.12
C2 EDO JA . 0.50 27.90 34.05
O2 EDO JA . -0.78 28.51 33.91
C1 EDO KA . -6.10 9.11 29.26
O1 EDO KA . -5.06 9.53 30.14
C2 EDO KA . -6.00 9.90 27.96
O2 EDO KA . -4.75 9.63 27.33
C1 EDO LA . 13.65 9.96 28.24
O1 EDO LA . 13.78 11.06 27.34
C2 EDO LA . 12.20 9.79 28.73
O2 EDO LA . 11.49 11.04 28.80
#